data_2WN3
#
_entry.id   2WN3
#
_cell.length_a   72.580
_cell.length_b   274.000
_cell.length_c   85.760
_cell.angle_alpha   90.00
_cell.angle_beta   90.00
_cell.angle_gamma   90.00
#
_symmetry.space_group_name_H-M   'C 2 2 21'
#
loop_
_entity.id
_entity.type
_entity.pdbx_description
1 polymer 'DISCOIDIN-1 SUBUNIT A'
2 branched 2-acetamido-2-deoxy-beta-D-galactopyranose-(1-3)-beta-D-galactopyranose
3 non-polymer 'CALCIUM ION'
4 non-polymer 'SULFATE ION'
5 non-polymer 2-(2-{2-[2-(2-METHOXY-ETHOXY)-ETHOXY]-ETHOXY}-ETHOXY)-ETHANOL
6 non-polymer GLYCEROL
7 water water
#
_entity_poly.entity_id   1
_entity_poly.type   'polypeptide(L)'
_entity_poly.pdbx_seq_one_letter_code
;AMSTQGLVQLLANAQCHLRTSTNYNGVHTQFNSALNYKNNGTNTIDGSEAWCSSIVDTNQYIVAGCEVPRTFMCVALQGR
GDADQWVTSYKIRYSLDNVSWFEYRNGAAVTGVTDRNTVVNHFFDTPIRARSIAIHPLTWNGHISLRCEFYTQPVQSSVT
QVGADIYTGDNCALNTGSGKREVVVPVKFQFEFATLPKVALNFDQIDCTDATNQTRIGVQPRNITTKGFDCVFYTWNENK
VYSLRADYIATALE
;
_entity_poly.pdbx_strand_id   A,B,C
#
# COMPACT_ATOMS: atom_id res chain seq x y z
N ALA A 1 20.07 6.69 -19.80
CA ALA A 1 19.44 7.12 -18.53
C ALA A 1 18.50 8.29 -18.78
N MET A 2 18.87 9.23 -19.65
CA MET A 2 18.08 10.46 -19.82
C MET A 2 16.62 10.27 -20.21
N SER A 3 16.34 9.30 -21.05
CA SER A 3 15.01 9.16 -21.62
C SER A 3 13.96 8.73 -20.54
N THR A 4 14.43 8.14 -19.46
CA THR A 4 13.55 7.71 -18.36
C THR A 4 13.83 8.48 -17.04
N GLN A 5 14.54 9.59 -17.14
CA GLN A 5 14.86 10.42 -15.99
CA GLN A 5 14.84 10.45 -16.01
C GLN A 5 13.60 10.82 -15.22
N GLY A 6 13.69 10.69 -13.90
CA GLY A 6 12.59 11.09 -13.00
C GLY A 6 11.60 9.95 -12.73
N LEU A 7 11.75 8.83 -13.46
CA LEU A 7 10.84 7.70 -13.31
C LEU A 7 11.46 6.71 -12.30
N VAL A 8 10.61 5.89 -11.68
CA VAL A 8 11.07 4.84 -10.76
C VAL A 8 11.52 3.62 -11.56
N GLN A 9 12.78 3.19 -11.31
CA GLN A 9 13.32 1.96 -11.84
C GLN A 9 12.91 0.83 -10.89
N LEU A 10 11.89 0.08 -11.27
CA LEU A 10 11.27 -0.92 -10.35
C LEU A 10 12.23 -1.97 -9.84
N LEU A 11 12.89 -2.69 -10.74
CA LEU A 11 13.81 -3.75 -10.33
C LEU A 11 15.00 -3.22 -9.55
N ALA A 12 15.60 -2.11 -10.02
CA ALA A 12 16.72 -1.55 -9.34
C ALA A 12 16.35 -1.21 -7.90
N ASN A 13 15.13 -0.76 -7.67
CA ASN A 13 14.70 -0.32 -6.35
C ASN A 13 14.04 -1.45 -5.53
N ALA A 14 14.06 -2.66 -6.08
CA ALA A 14 13.51 -3.83 -5.42
C ALA A 14 12.03 -3.58 -5.06
N GLN A 15 11.30 -2.96 -5.99
CA GLN A 15 9.90 -2.62 -5.77
C GLN A 15 8.91 -3.71 -6.20
N CYS A 16 9.37 -4.80 -6.81
CA CYS A 16 8.48 -5.81 -7.29
C CYS A 16 8.98 -7.19 -6.93
N HIS A 17 8.06 -8.11 -6.84
CA HIS A 17 8.41 -9.57 -6.81
CA HIS A 17 8.41 -9.51 -6.80
C HIS A 17 8.54 -10.02 -8.23
N LEU A 18 9.51 -10.91 -8.48
CA LEU A 18 9.75 -11.42 -9.82
C LEU A 18 9.52 -12.94 -9.81
N ARG A 19 8.63 -13.39 -10.70
CA ARG A 19 8.32 -14.80 -10.91
C ARG A 19 8.66 -15.13 -12.35
N THR A 20 9.39 -16.20 -12.56
CA THR A 20 9.67 -16.68 -13.89
C THR A 20 8.96 -17.98 -14.20
N SER A 21 8.78 -18.25 -15.48
CA SER A 21 8.26 -19.54 -15.94
C SER A 21 9.19 -20.73 -15.59
N THR A 22 10.45 -20.61 -15.97
CA THR A 22 11.47 -21.61 -15.64
C THR A 22 12.81 -20.84 -15.60
N ASN A 23 13.78 -21.43 -14.87
CA ASN A 23 15.13 -20.95 -14.77
C ASN A 23 16.08 -22.07 -15.21
N TYR A 24 17.01 -21.74 -16.11
CA TYR A 24 17.98 -22.72 -16.64
C TYR A 24 18.61 -23.55 -15.51
N ASN A 25 19.14 -22.87 -14.50
CA ASN A 25 19.49 -23.49 -13.21
C ASN A 25 19.57 -22.41 -12.17
N GLY A 26 20.09 -22.71 -11.00
CA GLY A 26 20.06 -21.78 -9.89
C GLY A 26 20.96 -20.57 -9.95
N VAL A 27 21.80 -20.47 -10.99
CA VAL A 27 22.60 -19.29 -11.23
C VAL A 27 22.25 -18.63 -12.55
N HIS A 28 21.05 -18.93 -13.05
CA HIS A 28 20.48 -18.29 -14.25
C HIS A 28 19.08 -17.74 -13.96
N THR A 29 18.87 -17.32 -12.70
CA THR A 29 17.51 -16.98 -12.24
C THR A 29 17.23 -15.50 -12.36
N GLN A 30 16.03 -15.13 -11.95
CA GLN A 30 15.67 -13.72 -11.85
C GLN A 30 16.51 -12.90 -10.88
N PHE A 31 17.32 -13.52 -10.02
CA PHE A 31 18.25 -12.74 -9.22
C PHE A 31 19.24 -11.97 -10.17
N ASN A 32 19.38 -12.43 -11.41
CA ASN A 32 20.34 -11.90 -12.38
C ASN A 32 19.70 -11.05 -13.46
N SER A 33 18.48 -10.58 -13.20
CA SER A 33 17.62 -9.99 -14.23
C SER A 33 17.70 -8.47 -14.37
N ALA A 34 18.26 -7.77 -13.40
CA ALA A 34 18.28 -6.28 -13.45
C ALA A 34 19.04 -5.77 -14.65
N LEU A 35 18.50 -4.73 -15.30
CA LEU A 35 19.23 -4.03 -16.35
C LEU A 35 20.66 -3.79 -15.88
N ASN A 36 21.62 -4.06 -16.77
CA ASN A 36 23.03 -3.81 -16.52
C ASN A 36 23.63 -4.67 -15.41
N TYR A 37 22.92 -5.73 -15.02
CA TYR A 37 23.49 -6.71 -14.10
C TYR A 37 24.78 -7.28 -14.68
N LYS A 38 25.84 -7.25 -13.88
CA LYS A 38 27.12 -7.83 -14.24
C LYS A 38 27.64 -8.63 -13.06
N ASN A 39 28.30 -9.73 -13.36
CA ASN A 39 28.74 -10.61 -12.32
C ASN A 39 30.23 -10.86 -12.39
N ASN A 40 30.69 -11.93 -11.75
CA ASN A 40 32.11 -12.24 -11.73
C ASN A 40 32.51 -12.93 -13.04
N GLY A 41 33.21 -12.19 -13.90
CA GLY A 41 33.64 -12.68 -15.16
C GLY A 41 34.81 -13.63 -15.06
N THR A 42 35.44 -13.74 -13.90
CA THR A 42 36.58 -14.66 -13.72
C THR A 42 36.19 -16.03 -13.12
N ASN A 43 34.97 -16.16 -12.65
CA ASN A 43 34.50 -17.37 -11.97
C ASN A 43 33.19 -17.77 -12.62
N THR A 44 33.12 -18.98 -13.17
CA THR A 44 31.96 -19.47 -13.88
C THR A 44 30.80 -19.81 -12.93
N ILE A 45 31.06 -19.97 -11.64
CA ILE A 45 30.01 -20.61 -10.79
C ILE A 45 28.86 -19.69 -10.44
N ASP A 46 29.04 -18.40 -10.63
CA ASP A 46 27.94 -17.46 -10.38
C ASP A 46 26.98 -17.28 -11.54
N GLY A 47 27.24 -17.93 -12.66
CA GLY A 47 26.28 -18.03 -13.75
C GLY A 47 26.19 -16.90 -14.72
N SER A 48 24.97 -16.64 -15.20
CA SER A 48 24.76 -15.78 -16.35
C SER A 48 24.50 -14.33 -15.98
N GLU A 49 24.86 -13.41 -16.88
CA GLU A 49 24.41 -12.03 -16.75
C GLU A 49 23.05 -11.84 -17.41
N ALA A 50 22.05 -12.53 -16.87
CA ALA A 50 20.68 -12.54 -17.37
C ALA A 50 19.91 -13.57 -16.60
N TRP A 51 18.58 -13.39 -16.61
CA TRP A 51 17.66 -14.52 -16.41
C TRP A 51 17.63 -15.32 -17.70
N CYS A 52 17.80 -16.65 -17.62
CA CYS A 52 17.72 -17.54 -18.78
C CYS A 52 16.74 -18.68 -18.45
N SER A 53 15.81 -18.94 -19.34
CA SER A 53 14.82 -19.98 -19.11
C SER A 53 15.41 -21.36 -19.23
N SER A 54 14.68 -22.38 -18.77
CA SER A 54 15.10 -23.79 -18.95
CA SER A 54 15.11 -23.78 -18.95
C SER A 54 14.46 -24.43 -20.16
N ILE A 55 13.23 -24.09 -20.41
CA ILE A 55 12.50 -24.50 -21.59
C ILE A 55 12.62 -23.36 -22.60
N VAL A 56 12.93 -23.71 -23.85
CA VAL A 56 13.07 -22.73 -24.92
C VAL A 56 11.88 -22.90 -25.87
N ASP A 57 10.83 -22.12 -25.59
CA ASP A 57 9.61 -22.11 -26.40
C ASP A 57 8.92 -20.76 -26.17
N THR A 58 7.72 -20.61 -26.77
CA THR A 58 7.02 -19.33 -26.74
C THR A 58 6.10 -19.20 -25.53
N ASN A 59 6.25 -20.10 -24.56
CA ASN A 59 5.49 -20.10 -23.31
C ASN A 59 6.25 -19.58 -22.08
N GLN A 60 7.39 -18.97 -22.27
CA GLN A 60 8.19 -18.47 -21.16
C GLN A 60 7.80 -17.04 -20.84
N TYR A 61 8.14 -16.60 -19.64
CA TYR A 61 7.84 -15.24 -19.19
C TYR A 61 8.53 -14.91 -17.89
N ILE A 62 8.66 -13.62 -17.68
CA ILE A 62 9.04 -13.08 -16.38
C ILE A 62 7.93 -12.07 -16.00
N VAL A 63 7.44 -12.22 -14.77
CA VAL A 63 6.38 -11.39 -14.22
C VAL A 63 6.93 -10.52 -13.11
N ALA A 64 6.63 -9.23 -13.18
CA ALA A 64 6.97 -8.25 -12.12
C ALA A 64 5.65 -7.87 -11.48
N GLY A 65 5.55 -8.11 -10.17
CA GLY A 65 4.34 -7.78 -9.45
C GLY A 65 4.53 -6.75 -8.36
N CYS A 66 3.66 -5.75 -8.38
CA CYS A 66 3.58 -4.70 -7.38
C CYS A 66 2.20 -4.74 -6.73
N GLU A 67 2.16 -4.54 -5.42
CA GLU A 67 0.92 -4.54 -4.69
C GLU A 67 0.23 -3.21 -4.78
N VAL A 68 0.97 -2.17 -5.10
CA VAL A 68 0.42 -0.80 -5.13
C VAL A 68 0.37 -0.50 -6.63
N PRO A 69 -0.78 -0.04 -7.14
CA PRO A 69 -0.86 0.25 -8.60
C PRO A 69 0.11 1.30 -9.06
N ARG A 70 0.63 1.10 -10.28
CA ARG A 70 1.64 2.04 -10.84
C ARG A 70 1.21 2.40 -12.25
N THR A 71 1.76 3.52 -12.72
CA THR A 71 1.61 3.94 -14.11
C THR A 71 2.93 3.62 -14.80
N PHE A 72 2.89 2.57 -15.62
CA PHE A 72 4.05 2.05 -16.35
C PHE A 72 4.22 2.87 -17.60
N MET A 73 5.40 3.50 -17.71
CA MET A 73 5.74 4.33 -18.87
C MET A 73 6.53 3.61 -19.95
N CYS A 74 7.39 2.69 -19.51
CA CYS A 74 8.37 2.12 -20.37
C CYS A 74 8.83 0.78 -19.84
N VAL A 75 9.20 -0.10 -20.79
CA VAL A 75 9.91 -1.35 -20.49
C VAL A 75 11.22 -1.30 -21.26
N ALA A 76 12.34 -1.57 -20.59
CA ALA A 76 13.65 -1.70 -21.25
C ALA A 76 14.06 -3.16 -21.29
N LEU A 77 14.49 -3.61 -22.46
CA LEU A 77 15.00 -4.95 -22.63
C LEU A 77 16.51 -4.84 -22.95
N GLN A 78 17.22 -5.89 -22.52
CA GLN A 78 18.66 -6.01 -22.74
C GLN A 78 18.97 -7.49 -22.91
N GLY A 79 20.03 -7.79 -23.66
CA GLY A 79 20.48 -9.15 -23.83
C GLY A 79 21.28 -9.67 -22.66
N ARG A 80 21.81 -10.88 -22.85
CA ARG A 80 22.68 -11.50 -21.87
C ARG A 80 24.11 -10.90 -21.93
N GLY A 81 24.68 -10.52 -20.81
CA GLY A 81 25.98 -9.85 -20.79
C GLY A 81 27.15 -10.71 -21.24
N ASP A 82 27.08 -12.00 -20.98
CA ASP A 82 28.27 -12.86 -21.09
C ASP A 82 28.22 -13.92 -22.19
N ALA A 83 27.17 -13.92 -23.01
CA ALA A 83 27.00 -14.84 -24.14
C ALA A 83 26.05 -14.20 -25.14
N ASP A 84 26.06 -14.75 -26.37
CA ASP A 84 25.29 -14.16 -27.47
C ASP A 84 23.88 -14.73 -27.49
N GLN A 85 23.12 -14.31 -26.49
CA GLN A 85 21.77 -14.73 -26.28
C GLN A 85 20.96 -13.51 -25.95
N TRP A 86 19.86 -13.32 -26.66
CA TRP A 86 19.00 -12.17 -26.40
C TRP A 86 17.63 -12.41 -27.03
N VAL A 87 16.67 -11.61 -26.58
CA VAL A 87 15.30 -11.70 -27.01
C VAL A 87 15.02 -10.61 -28.05
N THR A 88 14.58 -11.03 -29.23
CA THR A 88 14.46 -10.14 -30.37
C THR A 88 13.07 -9.54 -30.56
N SER A 89 12.06 -10.19 -29.98
CA SER A 89 10.72 -9.62 -29.90
C SER A 89 9.97 -10.28 -28.77
N TYR A 90 8.96 -9.59 -28.27
CA TYR A 90 8.22 -10.08 -27.14
C TYR A 90 6.84 -9.46 -27.10
N LYS A 91 5.99 -10.07 -26.30
CA LYS A 91 4.73 -9.40 -25.97
C LYS A 91 4.68 -8.99 -24.51
N ILE A 92 3.85 -7.97 -24.25
CA ILE A 92 3.60 -7.44 -22.92
C ILE A 92 2.18 -7.73 -22.51
N ARG A 93 2.01 -8.23 -21.28
CA ARG A 93 0.68 -8.48 -20.72
C ARG A 93 0.67 -7.88 -19.33
N TYR A 94 -0.50 -7.51 -18.83
CA TYR A 94 -0.58 -6.82 -17.55
C TYR A 94 -1.95 -7.01 -16.92
N SER A 95 -2.00 -6.69 -15.63
CA SER A 95 -3.25 -6.73 -14.88
C SER A 95 -3.24 -5.64 -13.82
N LEU A 96 -4.38 -4.97 -13.65
CA LEU A 96 -4.56 -3.99 -12.58
C LEU A 96 -5.19 -4.66 -11.34
N ASP A 97 -6.23 -5.45 -11.54
CA ASP A 97 -6.90 -6.10 -10.40
C ASP A 97 -6.38 -7.47 -10.01
N ASN A 98 -5.39 -7.98 -10.77
CA ASN A 98 -4.83 -9.32 -10.57
C ASN A 98 -5.85 -10.45 -10.66
N VAL A 99 -6.95 -10.19 -11.37
CA VAL A 99 -7.94 -11.19 -11.74
C VAL A 99 -7.99 -11.35 -13.26
N SER A 100 -8.22 -10.25 -13.95
CA SER A 100 -8.22 -10.19 -15.40
C SER A 100 -6.91 -9.59 -15.91
N TRP A 101 -6.34 -10.28 -16.91
CA TRP A 101 -5.16 -9.87 -17.60
C TRP A 101 -5.51 -9.41 -19.04
N PHE A 102 -4.67 -8.53 -19.51
CA PHE A 102 -4.79 -7.90 -20.82
C PHE A 102 -3.48 -7.94 -21.57
N GLU A 103 -3.57 -7.93 -22.91
CA GLU A 103 -2.39 -7.90 -23.74
C GLU A 103 -2.18 -6.49 -24.31
N TYR A 104 -0.98 -5.99 -24.22
CA TYR A 104 -0.61 -4.73 -24.82
C TYR A 104 -0.68 -4.93 -26.34
N ARG A 105 -1.23 -3.94 -27.04
CA ARG A 105 -1.39 -4.03 -28.50
C ARG A 105 -2.06 -5.32 -28.98
N ASN A 106 -3.02 -5.84 -28.23
CA ASN A 106 -3.71 -7.06 -28.54
C ASN A 106 -2.75 -8.23 -28.81
N GLY A 107 -1.61 -8.21 -28.13
CA GLY A 107 -0.68 -9.33 -28.23
C GLY A 107 0.31 -9.22 -29.37
N ALA A 108 0.33 -8.08 -30.08
CA ALA A 108 1.31 -7.89 -31.15
C ALA A 108 2.71 -7.84 -30.56
N ALA A 109 3.68 -8.23 -31.37
CA ALA A 109 5.07 -8.26 -30.94
C ALA A 109 5.64 -6.89 -30.80
N VAL A 110 6.37 -6.65 -29.71
CA VAL A 110 7.16 -5.47 -29.45
C VAL A 110 8.63 -5.76 -29.83
N THR A 111 9.30 -4.80 -30.43
CA THR A 111 10.69 -5.00 -30.86
C THR A 111 11.63 -5.05 -29.67
N GLY A 112 12.41 -6.13 -29.64
CA GLY A 112 13.47 -6.33 -28.64
C GLY A 112 14.83 -5.84 -29.05
N VAL A 113 15.85 -6.60 -28.64
CA VAL A 113 17.22 -6.17 -28.84
C VAL A 113 17.90 -6.97 -29.96
N THR A 114 19.11 -6.54 -30.27
CA THR A 114 19.89 -7.16 -31.38
C THR A 114 21.32 -7.51 -30.99
N ASP A 115 21.62 -7.45 -29.71
CA ASP A 115 22.97 -7.68 -29.23
C ASP A 115 22.94 -7.92 -27.71
N ARG A 116 24.10 -8.11 -27.12
CA ARG A 116 24.17 -8.44 -25.66
C ARG A 116 23.76 -7.30 -24.75
N ASN A 117 24.26 -6.10 -25.05
CA ASN A 117 24.29 -5.00 -24.08
C ASN A 117 23.54 -3.74 -24.40
N THR A 118 23.21 -3.49 -25.66
CA THR A 118 22.53 -2.24 -26.02
C THR A 118 21.05 -2.35 -25.66
N VAL A 119 20.65 -1.47 -24.76
CA VAL A 119 19.29 -1.46 -24.24
C VAL A 119 18.31 -0.89 -25.28
N VAL A 120 17.17 -1.53 -25.42
CA VAL A 120 16.09 -1.02 -26.25
C VAL A 120 14.91 -0.71 -25.34
N ASN A 121 14.58 0.57 -25.28
CA ASN A 121 13.40 1.06 -24.55
C ASN A 121 12.15 1.02 -25.39
N HIS A 122 11.06 0.58 -24.80
CA HIS A 122 9.77 0.73 -25.41
C HIS A 122 8.86 1.53 -24.51
N PHE A 123 8.51 2.72 -24.96
CA PHE A 123 7.51 3.53 -24.26
C PHE A 123 6.14 3.09 -24.73
N PHE A 124 5.27 2.72 -23.80
CA PHE A 124 3.95 2.19 -24.17
C PHE A 124 3.12 3.26 -24.87
N ASP A 125 2.38 2.82 -25.89
CA ASP A 125 1.52 3.75 -26.66
C ASP A 125 0.74 4.70 -25.75
N THR A 126 0.09 4.15 -24.73
CA THR A 126 -0.50 4.90 -23.66
C THR A 126 0.08 4.30 -22.38
N PRO A 127 0.41 5.13 -21.41
CA PRO A 127 0.88 4.55 -20.14
C PRO A 127 -0.09 3.52 -19.56
N ILE A 128 0.44 2.44 -19.00
CA ILE A 128 -0.36 1.31 -18.55
C ILE A 128 -0.51 1.37 -17.01
N ARG A 129 -1.77 1.47 -16.56
CA ARG A 129 -2.04 1.46 -15.11
C ARG A 129 -2.21 -0.02 -14.70
N ALA A 130 -1.31 -0.51 -13.83
CA ALA A 130 -1.31 -1.93 -13.51
C ALA A 130 -0.63 -2.21 -12.19
N ARG A 131 -0.90 -3.41 -11.67
CA ARG A 131 -0.17 -3.98 -10.54
C ARG A 131 0.92 -4.94 -11.00
N SER A 132 0.58 -5.81 -11.94
CA SER A 132 1.54 -6.79 -12.43
C SER A 132 1.68 -6.72 -13.91
N ILE A 133 2.89 -7.03 -14.38
CA ILE A 133 3.26 -6.88 -15.78
C ILE A 133 4.18 -8.03 -16.15
N ALA A 134 4.04 -8.56 -17.36
CA ALA A 134 4.84 -9.68 -17.80
C ALA A 134 5.43 -9.49 -19.18
N ILE A 135 6.68 -9.94 -19.31
CA ILE A 135 7.37 -10.00 -20.59
C ILE A 135 7.29 -11.43 -21.09
N HIS A 136 6.73 -11.64 -22.30
CA HIS A 136 6.59 -12.97 -22.89
C HIS A 136 7.46 -13.01 -24.16
N PRO A 137 8.64 -13.62 -24.09
CA PRO A 137 9.49 -13.67 -25.27
C PRO A 137 8.81 -14.44 -26.43
N LEU A 138 8.89 -13.87 -27.62
CA LEU A 138 8.29 -14.47 -28.82
C LEU A 138 9.35 -15.00 -29.77
N THR A 139 10.42 -14.24 -29.92
CA THR A 139 11.57 -14.66 -30.75
C THR A 139 12.88 -14.34 -30.03
N TRP A 140 13.94 -15.08 -30.33
CA TRP A 140 15.22 -14.93 -29.65
C TRP A 140 16.38 -15.39 -30.54
N ASN A 141 17.55 -14.89 -30.17
CA ASN A 141 18.85 -15.32 -30.69
C ASN A 141 19.51 -16.22 -29.66
N GLY A 142 19.73 -17.49 -29.99
CA GLY A 142 20.50 -18.41 -29.15
C GLY A 142 19.75 -19.05 -28.02
N HIS A 143 19.14 -18.22 -27.17
CA HIS A 143 18.40 -18.75 -26.03
C HIS A 143 17.52 -17.61 -25.52
N ILE A 144 16.54 -17.97 -24.69
CA ILE A 144 15.69 -16.96 -24.05
C ILE A 144 16.41 -16.47 -22.78
N SER A 145 17.09 -15.35 -22.92
CA SER A 145 17.96 -14.76 -21.91
C SER A 145 17.79 -13.25 -21.98
N LEU A 146 17.58 -12.62 -20.84
CA LEU A 146 17.34 -11.20 -20.78
C LEU A 146 17.68 -10.58 -19.44
N ARG A 147 17.92 -9.27 -19.51
CA ARG A 147 17.90 -8.35 -18.39
C ARG A 147 16.86 -7.28 -18.76
N CYS A 148 16.26 -6.66 -17.77
CA CYS A 148 15.16 -5.75 -18.03
C CYS A 148 14.93 -4.76 -16.91
N GLU A 149 14.13 -3.74 -17.24
CA GLU A 149 13.65 -2.81 -16.24
C GLU A 149 12.30 -2.30 -16.68
N PHE A 150 11.49 -1.92 -15.69
CA PHE A 150 10.22 -1.24 -15.87
C PHE A 150 10.31 0.10 -15.21
N TYR A 151 9.78 1.13 -15.87
CA TYR A 151 9.85 2.48 -15.38
C TYR A 151 8.45 2.98 -15.13
N THR A 152 8.20 3.44 -13.92
CA THR A 152 6.89 3.95 -13.55
C THR A 152 6.95 5.39 -13.01
N GLN A 153 5.81 6.06 -13.06
CA GLN A 153 5.72 7.30 -12.34
C GLN A 153 5.93 7.06 -10.86
N PRO A 154 6.48 8.04 -10.16
CA PRO A 154 6.57 7.95 -8.71
C PRO A 154 5.17 7.76 -8.13
N VAL A 155 5.11 6.96 -7.07
CA VAL A 155 3.84 6.77 -6.32
C VAL A 155 3.80 7.63 -5.08
N GLN A 156 2.61 8.01 -4.67
CA GLN A 156 2.38 8.63 -3.37
C GLN A 156 1.52 7.72 -2.54
N SER A 157 1.81 7.65 -1.26
CA SER A 157 1.06 6.80 -0.35
C SER A 157 0.44 7.71 0.70
N SER A 158 -0.84 7.59 0.96
CA SER A 158 -1.48 8.33 2.05
C SER A 158 -2.03 7.36 3.07
N VAL A 159 -2.15 7.80 4.33
CA VAL A 159 -2.87 7.08 5.38
C VAL A 159 -3.88 8.08 5.95
N THR A 160 -5.13 7.66 6.07
CA THR A 160 -6.25 8.50 6.49
C THR A 160 -6.92 7.90 7.70
N GLN A 161 -7.30 8.76 8.65
CA GLN A 161 -8.13 8.41 9.79
C GLN A 161 -9.33 9.35 9.81
N VAL A 162 -10.51 8.76 10.01
CA VAL A 162 -11.76 9.48 10.18
C VAL A 162 -12.17 9.32 11.61
N GLY A 163 -12.58 10.42 12.21
CA GLY A 163 -13.16 10.38 13.53
C GLY A 163 -14.45 11.14 13.51
N ALA A 164 -15.43 10.58 14.20
CA ALA A 164 -16.78 11.11 14.13
C ALA A 164 -17.21 11.78 15.44
N ASP A 165 -18.09 12.78 15.26
CA ASP A 165 -18.97 13.29 16.31
C ASP A 165 -18.25 13.97 17.48
N ILE A 166 -17.25 14.79 17.15
CA ILE A 166 -16.62 15.61 18.18
C ILE A 166 -17.64 16.69 18.57
N TYR A 167 -17.92 16.88 19.86
CA TYR A 167 -19.14 17.62 20.26
C TYR A 167 -18.79 18.61 21.35
N THR A 168 -19.41 19.78 21.27
CA THR A 168 -19.27 20.78 22.33
C THR A 168 -19.90 20.39 23.67
N GLY A 169 -20.92 19.53 23.60
CA GLY A 169 -21.87 19.33 24.68
C GLY A 169 -23.08 20.24 24.49
N ASP A 170 -24.19 19.86 25.14
CA ASP A 170 -25.41 20.67 25.07
C ASP A 170 -25.21 21.94 25.91
N ASN A 171 -25.85 23.03 25.51
CA ASN A 171 -25.81 24.28 26.28
C ASN A 171 -24.38 24.62 26.68
N CYS A 172 -23.51 24.61 25.68
CA CYS A 172 -22.08 24.78 25.95
C CYS A 172 -21.74 26.23 26.25
N ALA A 173 -20.46 26.49 26.50
CA ALA A 173 -20.03 27.84 26.91
C ALA A 173 -20.19 28.89 25.82
N LEU A 174 -20.33 28.46 24.56
CA LEU A 174 -20.60 29.41 23.49
C LEU A 174 -22.03 29.98 23.54
N ASN A 175 -22.84 29.48 24.47
CA ASN A 175 -24.26 29.86 24.60
C ASN A 175 -24.48 31.01 25.57
N THR A 176 -23.37 31.57 26.06
CA THR A 176 -23.38 32.77 26.89
C THR A 176 -22.24 33.71 26.49
N GLY A 177 -22.37 34.97 26.90
CA GLY A 177 -21.29 35.89 26.67
C GLY A 177 -21.26 36.55 25.33
N SER A 178 -20.22 37.33 25.16
CA SER A 178 -20.04 38.20 24.05
CA SER A 178 -20.02 38.14 23.98
C SER A 178 -18.56 38.15 23.57
N GLY A 179 -18.32 38.47 22.30
CA GLY A 179 -16.97 38.50 21.74
C GLY A 179 -16.52 37.12 21.28
N LYS A 180 -15.26 37.00 20.90
CA LYS A 180 -14.69 35.69 20.52
C LYS A 180 -14.66 34.76 21.70
N ARG A 181 -15.29 33.60 21.52
CA ARG A 181 -15.43 32.57 22.53
C ARG A 181 -15.17 31.21 21.83
N GLU A 182 -14.47 30.34 22.56
CA GLU A 182 -14.04 29.02 22.10
C GLU A 182 -14.33 27.93 23.13
N VAL A 183 -14.65 26.74 22.63
CA VAL A 183 -14.73 25.50 23.43
C VAL A 183 -13.80 24.54 22.73
N VAL A 184 -12.82 24.05 23.48
CA VAL A 184 -11.81 23.22 22.96
C VAL A 184 -12.02 21.77 23.40
N VAL A 185 -12.02 20.86 22.42
CA VAL A 185 -12.15 19.43 22.73
C VAL A 185 -10.93 18.71 22.19
N PRO A 186 -10.06 18.24 23.08
CA PRO A 186 -8.88 17.51 22.57
C PRO A 186 -9.29 16.19 21.93
N VAL A 187 -8.63 15.88 20.82
CA VAL A 187 -8.89 14.67 20.04
C VAL A 187 -7.58 13.90 19.92
N LYS A 188 -7.63 12.61 20.24
CA LYS A 188 -6.45 11.71 20.02
C LYS A 188 -6.79 10.78 18.85
N PHE A 189 -5.92 10.70 17.86
CA PHE A 189 -6.11 9.76 16.79
C PHE A 189 -6.03 8.32 17.33
N GLN A 190 -6.73 7.40 16.68
CA GLN A 190 -6.69 6.00 17.09
C GLN A 190 -5.26 5.43 17.06
N PHE A 191 -4.50 5.80 16.04
CA PHE A 191 -3.06 5.52 16.02
C PHE A 191 -2.28 6.75 15.63
N GLU A 192 -1.02 6.76 16.03
CA GLU A 192 -0.11 7.86 15.71
C GLU A 192 0.34 7.74 14.27
N PHE A 193 0.21 8.83 13.51
CA PHE A 193 0.70 8.93 12.16
C PHE A 193 2.24 8.97 12.12
N ALA A 194 2.80 8.51 11.01
CA ALA A 194 4.26 8.50 10.87
C ALA A 194 4.77 9.88 10.54
N THR A 195 3.94 10.72 9.92
CA THR A 195 4.30 12.08 9.55
C THR A 195 3.10 13.00 9.84
N LEU A 196 3.30 14.31 9.84
CA LEU A 196 2.26 15.24 10.29
C LEU A 196 1.08 15.23 9.34
N PRO A 197 -0.15 14.99 9.87
CA PRO A 197 -1.29 14.98 8.97
C PRO A 197 -1.86 16.39 8.71
N LYS A 198 -2.61 16.52 7.63
CA LYS A 198 -3.50 17.65 7.38
C LYS A 198 -4.89 17.21 7.81
N VAL A 199 -5.69 18.15 8.34
CA VAL A 199 -6.97 17.77 8.98
C VAL A 199 -8.10 18.63 8.43
N ALA A 200 -9.13 17.94 7.94
CA ALA A 200 -10.42 18.56 7.56
C ALA A 200 -11.35 18.36 8.75
N LEU A 201 -12.10 19.38 9.17
CA LEU A 201 -12.91 19.32 10.35
C LEU A 201 -14.14 20.15 10.03
N ASN A 202 -15.28 19.50 9.87
CA ASN A 202 -16.45 20.12 9.29
C ASN A 202 -17.73 19.76 10.04
N PHE A 203 -18.73 20.64 9.94
CA PHE A 203 -19.93 20.48 10.77
C PHE A 203 -20.84 19.35 10.34
N ASP A 204 -21.42 18.67 11.31
CA ASP A 204 -22.54 17.76 11.07
C ASP A 204 -23.78 18.07 11.89
N GLN A 205 -23.68 18.97 12.89
CA GLN A 205 -24.89 19.31 13.65
C GLN A 205 -24.73 20.71 14.22
N ILE A 206 -25.69 21.56 13.94
CA ILE A 206 -25.64 22.99 14.28
C ILE A 206 -26.89 23.37 15.09
N ASP A 207 -26.69 23.98 16.26
CA ASP A 207 -27.79 24.40 17.17
C ASP A 207 -27.41 25.77 17.71
N CYS A 208 -27.83 26.83 16.98
CA CYS A 208 -27.34 28.18 17.28
C CYS A 208 -28.39 29.27 17.09
N THR A 209 -28.18 30.40 17.76
CA THR A 209 -29.07 31.55 17.70
C THR A 209 -28.43 32.62 16.85
N ASP A 210 -29.21 33.23 15.99
CA ASP A 210 -28.71 34.35 15.20
C ASP A 210 -28.58 35.59 16.09
N ALA A 211 -27.84 36.57 15.59
CA ALA A 211 -27.67 37.87 16.28
C ALA A 211 -27.89 38.93 15.24
N THR A 212 -28.95 39.75 15.39
CA THR A 212 -29.34 40.69 14.35
C THR A 212 -29.31 40.01 12.98
N ASN A 213 -29.92 38.83 12.95
CA ASN A 213 -30.08 38.00 11.77
C ASN A 213 -28.83 37.35 11.21
N GLN A 214 -27.71 37.47 11.93
CA GLN A 214 -26.43 36.89 11.48
C GLN A 214 -26.18 35.57 12.18
N THR A 215 -25.72 34.60 11.39
CA THR A 215 -25.18 33.33 11.90
C THR A 215 -23.68 33.47 11.85
N ARG A 216 -23.02 33.14 12.95
CA ARG A 216 -21.53 33.17 13.09
C ARG A 216 -21.11 31.93 13.86
N ILE A 217 -20.58 30.94 13.14
CA ILE A 217 -20.13 29.70 13.77
C ILE A 217 -18.87 29.23 13.06
N GLY A 218 -18.02 28.54 13.80
CA GLY A 218 -16.81 27.99 13.24
C GLY A 218 -16.26 26.82 14.02
N VAL A 219 -15.48 26.00 13.31
CA VAL A 219 -14.72 24.92 13.91
C VAL A 219 -13.38 24.78 13.21
N GLN A 220 -12.33 24.52 13.95
CA GLN A 220 -10.98 24.52 13.42
C GLN A 220 -10.03 23.71 14.30
N PRO A 221 -9.14 22.92 13.67
CA PRO A 221 -8.10 22.28 14.49
C PRO A 221 -7.03 23.26 14.91
N ARG A 222 -6.44 23.00 16.05
CA ARG A 222 -5.30 23.74 16.57
C ARG A 222 -4.31 22.72 17.14
N ASN A 223 -3.02 23.00 16.99
CA ASN A 223 -1.97 22.17 17.57
C ASN A 223 -2.01 20.76 17.01
N ILE A 224 -2.14 20.64 15.69
CA ILE A 224 -2.08 19.32 15.07
C ILE A 224 -0.67 18.72 15.24
N THR A 225 -0.65 17.50 15.69
CA THR A 225 0.57 16.72 15.80
C THR A 225 0.31 15.35 15.19
N THR A 226 1.32 14.48 15.20
CA THR A 226 1.08 13.11 14.75
C THR A 226 0.13 12.32 15.62
N LYS A 227 -0.12 12.79 16.86
CA LYS A 227 -0.93 12.04 17.80
C LYS A 227 -2.36 12.51 17.90
N GLY A 228 -2.63 13.73 17.45
CA GLY A 228 -3.98 14.29 17.64
C GLY A 228 -4.00 15.78 17.44
N PHE A 229 -5.08 16.41 17.87
CA PHE A 229 -5.25 17.86 17.66
C PHE A 229 -6.31 18.37 18.61
N ASP A 230 -6.34 19.68 18.82
CA ASP A 230 -7.41 20.29 19.59
C ASP A 230 -8.50 20.75 18.60
N CYS A 231 -9.73 20.28 18.85
CA CYS A 231 -10.89 20.70 18.07
C CYS A 231 -11.45 21.97 18.72
N VAL A 232 -11.33 23.08 18.03
CA VAL A 232 -11.73 24.40 18.56
C VAL A 232 -13.03 24.82 17.92
N PHE A 233 -14.10 24.75 18.69
CA PHE A 233 -15.41 25.29 18.28
C PHE A 233 -15.51 26.75 18.72
N TYR A 234 -16.12 27.59 17.89
CA TYR A 234 -16.10 29.01 18.25
C TYR A 234 -17.26 29.79 17.67
N THR A 235 -17.54 30.94 18.29
CA THR A 235 -18.41 31.94 17.76
C THR A 235 -17.80 33.29 18.14
N TRP A 236 -18.45 34.37 17.76
CA TRP A 236 -17.93 35.70 18.00
C TRP A 236 -19.06 36.71 17.91
N ASN A 237 -18.75 37.99 18.13
CA ASN A 237 -19.84 38.97 18.16
C ASN A 237 -20.81 38.62 19.29
N GLU A 238 -22.10 38.94 19.17
CA GLU A 238 -23.05 38.65 20.22
C GLU A 238 -23.73 37.30 20.11
N ASN A 239 -23.28 36.46 19.17
CA ASN A 239 -23.97 35.19 18.95
C ASN A 239 -23.88 34.23 20.10
N LYS A 240 -24.99 33.52 20.33
CA LYS A 240 -25.09 32.45 21.32
C LYS A 240 -25.29 31.13 20.56
N VAL A 241 -24.43 30.16 20.85
CA VAL A 241 -24.40 28.86 20.20
C VAL A 241 -24.58 27.78 21.26
N TYR A 242 -25.72 27.09 21.20
CA TYR A 242 -26.08 26.05 22.13
C TYR A 242 -25.12 24.85 22.02
N SER A 243 -24.89 24.42 20.79
CA SER A 243 -23.97 23.32 20.56
C SER A 243 -23.53 23.26 19.10
N LEU A 244 -22.38 22.61 18.90
CA LEU A 244 -21.86 22.31 17.57
C LEU A 244 -21.25 20.93 17.59
N ARG A 245 -21.37 20.20 16.48
CA ARG A 245 -20.76 18.88 16.30
C ARG A 245 -20.05 18.86 14.98
N ALA A 246 -18.95 18.11 14.92
CA ALA A 246 -18.12 18.02 13.72
C ALA A 246 -17.55 16.63 13.56
N ASP A 247 -17.28 16.24 12.32
CA ASP A 247 -16.49 15.02 12.03
C ASP A 247 -15.12 15.47 11.47
N TYR A 248 -14.08 14.65 11.64
CA TYR A 248 -12.77 14.99 11.08
C TYR A 248 -12.26 13.92 10.14
N ILE A 249 -11.40 14.38 9.24
CA ILE A 249 -10.64 13.54 8.37
C ILE A 249 -9.19 13.98 8.37
N ALA A 250 -8.30 13.11 8.82
CA ALA A 250 -6.88 13.45 8.94
C ALA A 250 -6.09 12.57 8.03
N THR A 251 -5.22 13.15 7.20
CA THR A 251 -4.46 12.35 6.22
C THR A 251 -3.00 12.76 6.23
N ALA A 252 -2.10 11.77 6.32
CA ALA A 252 -0.65 12.00 6.27
C ALA A 252 -0.14 11.34 5.00
N LEU A 253 0.88 11.97 4.42
CA LEU A 253 1.47 11.52 3.17
CA LEU A 253 1.45 11.53 3.17
C LEU A 253 2.85 10.95 3.38
N GLU A 254 3.17 9.94 2.57
CA GLU A 254 4.50 9.35 2.47
C GLU A 254 5.02 8.91 3.84
N MET B 2 14.31 -7.68 23.25
CA MET B 2 13.80 -6.54 24.07
C MET B 2 14.03 -5.17 23.39
N SER B 3 15.21 -4.95 22.82
CA SER B 3 15.54 -3.62 22.23
C SER B 3 14.63 -3.27 21.01
N THR B 4 14.19 -4.31 20.31
CA THR B 4 13.38 -4.17 19.11
C THR B 4 11.95 -4.67 19.33
N GLN B 5 11.54 -4.83 20.60
CA GLN B 5 10.17 -5.26 20.90
CA GLN B 5 10.17 -5.22 20.93
C GLN B 5 9.14 -4.28 20.30
N GLY B 6 8.08 -4.83 19.73
CA GLY B 6 7.01 -4.05 19.13
C GLY B 6 7.26 -3.64 17.68
N LEU B 7 8.48 -3.89 17.21
CA LEU B 7 8.85 -3.53 15.83
C LEU B 7 8.64 -4.71 14.88
N VAL B 8 8.43 -4.35 13.62
CA VAL B 8 8.28 -5.32 12.53
C VAL B 8 9.67 -5.75 12.05
N GLN B 9 9.88 -7.07 12.06
CA GLN B 9 11.05 -7.74 11.50
C GLN B 9 10.74 -7.96 10.01
N LEU B 10 11.32 -7.12 9.15
CA LEU B 10 10.91 -7.10 7.75
C LEU B 10 11.18 -8.41 7.00
N LEU B 11 12.40 -8.90 7.10
CA LEU B 11 12.77 -10.11 6.37
C LEU B 11 12.04 -11.32 6.93
N ALA B 12 11.99 -11.40 8.24
CA ALA B 12 11.29 -12.55 8.83
C ALA B 12 9.82 -12.64 8.34
N ASN B 13 9.18 -11.48 8.23
CA ASN B 13 7.81 -11.35 7.79
C ASN B 13 7.59 -11.30 6.28
N ALA B 14 8.67 -11.47 5.52
CA ALA B 14 8.60 -11.46 4.08
C ALA B 14 7.98 -10.19 3.55
N GLN B 15 8.29 -9.07 4.18
CA GLN B 15 7.72 -7.76 3.79
C GLN B 15 8.48 -6.99 2.73
N CYS B 16 9.62 -7.51 2.28
CA CYS B 16 10.39 -6.79 1.28
C CYS B 16 10.89 -7.73 0.17
N HIS B 17 11.16 -7.16 -1.00
CA HIS B 17 11.90 -7.85 -2.02
C HIS B 17 13.37 -7.65 -1.75
N LEU B 18 14.19 -8.66 -1.99
CA LEU B 18 15.63 -8.57 -1.78
C LEU B 18 16.38 -8.72 -3.08
N ARG B 19 17.17 -7.71 -3.42
CA ARG B 19 18.07 -7.74 -4.60
C ARG B 19 19.50 -7.64 -4.13
N THR B 20 20.40 -8.46 -4.71
CA THR B 20 21.80 -8.41 -4.37
C THR B 20 22.61 -8.00 -5.58
N SER B 21 23.80 -7.49 -5.30
CA SER B 21 24.75 -7.11 -6.34
C SER B 21 25.22 -8.38 -7.10
N THR B 22 25.70 -9.36 -6.35
CA THR B 22 26.12 -10.64 -6.89
C THR B 22 25.86 -11.71 -5.81
N ASN B 23 25.79 -12.95 -6.25
CA ASN B 23 25.66 -14.14 -5.36
C ASN B 23 26.75 -15.13 -5.72
N TYR B 24 27.43 -15.65 -4.70
CA TYR B 24 28.57 -16.57 -4.93
C TYR B 24 28.19 -17.73 -5.82
N ASN B 25 27.06 -18.35 -5.50
CA ASN B 25 26.37 -19.26 -6.37
C ASN B 25 24.93 -19.43 -5.92
N GLY B 26 24.21 -20.41 -6.48
CA GLY B 26 22.80 -20.52 -6.26
C GLY B 26 22.35 -20.99 -4.89
N VAL B 27 23.32 -21.38 -4.04
CA VAL B 27 23.06 -21.71 -2.63
C VAL B 27 23.77 -20.76 -1.64
N HIS B 28 24.09 -19.56 -2.11
CA HIS B 28 24.66 -18.49 -1.29
C HIS B 28 23.89 -17.18 -1.50
N THR B 29 22.60 -17.32 -1.84
CA THR B 29 21.80 -16.17 -2.26
C THR B 29 21.10 -15.49 -1.13
N GLN B 30 20.36 -14.44 -1.47
CA GLN B 30 19.54 -13.76 -0.47
C GLN B 30 18.42 -14.66 0.15
N PHE B 31 18.16 -15.84 -0.42
CA PHE B 31 17.20 -16.76 0.20
C PHE B 31 17.76 -17.15 1.58
N ASN B 32 19.07 -17.03 1.72
CA ASN B 32 19.79 -17.40 2.97
C ASN B 32 20.13 -16.26 3.91
N SER B 33 19.49 -15.10 3.77
CA SER B 33 19.95 -13.87 4.39
C SER B 33 19.29 -13.51 5.71
N ALA B 34 18.17 -14.16 6.06
CA ALA B 34 17.45 -13.71 7.25
C ALA B 34 18.29 -13.91 8.51
N LEU B 35 18.16 -13.00 9.44
CA LEU B 35 18.88 -13.11 10.70
C LEU B 35 18.60 -14.48 11.32
N ASN B 36 19.63 -15.14 11.84
CA ASN B 36 19.49 -16.45 12.46
C ASN B 36 19.10 -17.57 11.51
N TYR B 37 19.18 -17.35 10.20
CA TYR B 37 19.00 -18.41 9.26
C TYR B 37 20.02 -19.53 9.51
N LYS B 38 19.50 -20.75 9.58
CA LYS B 38 20.32 -21.97 9.78
C LYS B 38 19.83 -23.02 8.83
N ASN B 39 20.77 -23.81 8.32
CA ASN B 39 20.40 -24.79 7.33
C ASN B 39 20.87 -26.19 7.72
N ASN B 40 21.02 -27.07 6.75
CA ASN B 40 21.38 -28.45 7.03
C ASN B 40 22.86 -28.55 7.16
N GLY B 41 23.35 -28.65 8.38
CA GLY B 41 24.76 -28.78 8.62
C GLY B 41 25.35 -30.15 8.28
N THR B 42 24.51 -31.13 7.95
CA THR B 42 25.02 -32.47 7.60
C THR B 42 25.14 -32.63 6.08
N ASN B 43 24.66 -31.65 5.32
CA ASN B 43 24.65 -31.72 3.88
C ASN B 43 25.21 -30.43 3.30
N THR B 44 26.22 -30.52 2.47
CA THR B 44 26.84 -29.34 1.92
C THR B 44 26.03 -28.68 0.84
N ILE B 45 25.08 -29.41 0.25
CA ILE B 45 24.49 -28.93 -1.01
C ILE B 45 23.58 -27.76 -0.86
N ASP B 46 23.08 -27.53 0.36
CA ASP B 46 22.20 -26.37 0.57
C ASP B 46 22.93 -25.05 0.90
N GLY B 47 24.27 -25.05 0.90
CA GLY B 47 25.06 -23.83 0.86
C GLY B 47 25.27 -23.16 2.20
N SER B 48 25.39 -21.83 2.16
CA SER B 48 25.86 -21.03 3.29
C SER B 48 24.74 -20.57 4.18
N GLU B 49 25.06 -20.36 5.44
CA GLU B 49 24.14 -19.68 6.38
C GLU B 49 24.42 -18.16 6.33
N ALA B 50 24.17 -17.62 5.16
CA ALA B 50 24.41 -16.21 4.82
C ALA B 50 24.11 -16.02 3.34
N TRP B 51 23.87 -14.76 3.00
CA TRP B 51 24.11 -14.29 1.63
C TRP B 51 25.61 -14.03 1.51
N CYS B 52 26.23 -14.54 0.43
CA CYS B 52 27.65 -14.27 0.13
C CYS B 52 27.75 -13.78 -1.28
N SER B 53 28.53 -12.71 -1.47
CA SER B 53 28.75 -12.14 -2.77
C SER B 53 29.63 -13.04 -3.64
N SER B 54 29.66 -12.78 -4.94
CA SER B 54 30.60 -13.43 -5.83
CA SER B 54 30.61 -13.45 -5.80
C SER B 54 31.86 -12.59 -6.09
N ILE B 55 31.71 -11.29 -6.19
CA ILE B 55 32.82 -10.37 -6.30
C ILE B 55 33.13 -9.86 -4.90
N VAL B 56 34.40 -9.83 -4.53
CA VAL B 56 34.78 -9.34 -3.21
C VAL B 56 35.48 -7.97 -3.43
N ASP B 57 34.71 -6.92 -3.24
CA ASP B 57 35.20 -5.55 -3.35
C ASP B 57 34.25 -4.66 -2.56
N THR B 58 34.49 -3.35 -2.59
CA THR B 58 33.68 -2.45 -1.76
C THR B 58 32.41 -1.95 -2.49
N ASN B 59 32.03 -2.66 -3.55
CA ASN B 59 30.90 -2.28 -4.41
C ASN B 59 29.67 -3.23 -4.29
N GLN B 60 29.67 -4.13 -3.33
CA GLN B 60 28.58 -5.08 -3.16
C GLN B 60 27.50 -4.52 -2.27
N TYR B 61 26.31 -5.12 -2.38
CA TYR B 61 25.17 -4.66 -1.58
C TYR B 61 24.06 -5.67 -1.62
N ILE B 62 23.22 -5.54 -0.60
CA ILE B 62 21.89 -6.15 -0.56
C ILE B 62 20.88 -5.03 -0.34
N VAL B 63 19.87 -4.97 -1.23
CA VAL B 63 18.77 -3.97 -1.18
C VAL B 63 17.51 -4.64 -0.74
N ALA B 64 16.82 -4.06 0.26
CA ALA B 64 15.49 -4.45 0.65
C ALA B 64 14.51 -3.39 0.17
N GLY B 65 13.49 -3.81 -0.56
CA GLY B 65 12.48 -2.88 -1.07
C GLY B 65 11.11 -3.13 -0.54
N CYS B 66 10.49 -2.06 -0.04
CA CYS B 66 9.09 -2.03 0.37
C CYS B 66 8.35 -1.01 -0.50
N GLU B 67 7.16 -1.38 -0.98
CA GLU B 67 6.32 -0.46 -1.72
C GLU B 67 5.60 0.56 -0.82
N VAL B 68 5.40 0.17 0.44
CA VAL B 68 4.68 0.98 1.40
C VAL B 68 5.78 1.62 2.24
N PRO B 69 5.79 2.97 2.36
CA PRO B 69 6.87 3.61 3.16
C PRO B 69 6.90 3.17 4.62
N ARG B 70 8.11 3.01 5.18
CA ARG B 70 8.36 2.56 6.54
C ARG B 70 9.25 3.52 7.29
N THR B 71 9.13 3.50 8.61
CA THR B 71 10.07 4.18 9.48
C THR B 71 10.99 3.11 10.01
N PHE B 72 12.21 3.14 9.48
CA PHE B 72 13.27 2.19 9.85
C PHE B 72 13.97 2.67 11.13
N MET B 73 13.86 1.82 12.17
CA MET B 73 14.44 2.11 13.47
C MET B 73 15.83 1.57 13.61
N CYS B 74 16.07 0.38 13.05
CA CYS B 74 17.26 -0.37 13.41
C CYS B 74 17.61 -1.30 12.24
N VAL B 75 18.90 -1.52 12.03
CA VAL B 75 19.38 -2.59 11.19
C VAL B 75 20.28 -3.48 12.01
N ALA B 76 20.04 -4.79 11.91
CA ALA B 76 20.84 -5.79 12.61
C ALA B 76 21.68 -6.54 11.61
N LEU B 77 22.96 -6.68 11.92
CA LEU B 77 23.91 -7.48 11.12
C LEU B 77 24.36 -8.67 11.90
N GLN B 78 24.68 -9.74 11.14
CA GLN B 78 25.18 -10.99 11.73
C GLN B 78 26.09 -11.65 10.70
N GLY B 79 27.05 -12.42 11.18
CA GLY B 79 28.02 -13.10 10.29
C GLY B 79 27.40 -14.35 9.67
N ARG B 80 28.23 -15.10 8.95
CA ARG B 80 27.87 -16.34 8.35
C ARG B 80 27.91 -17.44 9.44
N GLY B 81 26.87 -18.26 9.50
CA GLY B 81 26.73 -19.23 10.58
C GLY B 81 27.70 -20.39 10.50
N ASP B 82 28.11 -20.74 9.29
CA ASP B 82 28.85 -22.02 9.06
C ASP B 82 30.33 -21.88 8.67
N ALA B 83 30.84 -20.66 8.62
CA ALA B 83 32.22 -20.38 8.29
C ALA B 83 32.62 -19.01 8.84
N ASP B 84 33.91 -18.80 9.04
CA ASP B 84 34.41 -17.56 9.63
C ASP B 84 34.45 -16.41 8.64
N GLN B 85 33.26 -16.00 8.21
CA GLN B 85 33.11 -14.91 7.29
C GLN B 85 32.07 -13.94 7.84
N TRP B 86 32.39 -12.66 7.82
CA TRP B 86 31.47 -11.62 8.37
C TRP B 86 31.88 -10.24 7.93
N VAL B 87 30.94 -9.32 8.04
CA VAL B 87 31.14 -7.96 7.62
C VAL B 87 31.41 -7.07 8.86
N THR B 88 32.55 -6.41 8.83
CA THR B 88 33.04 -5.69 10.01
C THR B 88 32.61 -4.23 10.05
N SER B 89 32.28 -3.67 8.90
CA SER B 89 31.72 -2.31 8.81
C SER B 89 30.98 -2.21 7.48
N TYR B 90 30.02 -1.30 7.43
CA TYR B 90 29.20 -1.13 6.23
C TYR B 90 28.65 0.29 6.20
N LYS B 91 28.13 0.70 5.05
CA LYS B 91 27.37 1.93 4.98
C LYS B 91 25.92 1.60 4.57
N ILE B 92 25.03 2.55 4.83
CA ILE B 92 23.60 2.39 4.56
C ILE B 92 23.19 3.45 3.57
N ARG B 93 22.44 3.06 2.54
CA ARG B 93 21.82 3.98 1.59
C ARG B 93 20.33 3.68 1.62
N TYR B 94 19.53 4.68 1.25
CA TYR B 94 18.08 4.53 1.25
C TYR B 94 17.42 5.50 0.29
N SER B 95 16.16 5.17 -0.07
CA SER B 95 15.33 6.03 -0.88
C SER B 95 13.90 5.97 -0.41
N LEU B 96 13.26 7.12 -0.31
CA LEU B 96 11.81 7.20 0.00
C LEU B 96 10.98 7.16 -1.29
N ASP B 97 11.33 7.98 -2.29
CA ASP B 97 10.52 8.02 -3.53
C ASP B 97 10.98 7.08 -4.65
N ASN B 98 12.08 6.36 -4.41
CA ASN B 98 12.71 5.45 -5.38
C ASN B 98 13.16 6.14 -6.64
N VAL B 99 13.42 7.43 -6.53
CA VAL B 99 14.06 8.22 -7.60
C VAL B 99 15.39 8.76 -7.09
N SER B 100 15.35 9.50 -5.99
CA SER B 100 16.54 9.99 -5.30
C SER B 100 16.93 9.09 -4.13
N TRP B 101 18.20 8.73 -4.12
CA TRP B 101 18.80 7.97 -3.03
C TRP B 101 19.72 8.85 -2.20
N PHE B 102 19.86 8.44 -0.94
CA PHE B 102 20.63 9.16 0.07
C PHE B 102 21.48 8.20 0.89
N GLU B 103 22.55 8.73 1.46
CA GLU B 103 23.45 7.96 2.29
C GLU B 103 23.28 8.37 3.74
N TYR B 104 23.03 7.37 4.58
CA TYR B 104 23.05 7.56 6.03
C TYR B 104 24.42 8.06 6.47
N ARG B 105 24.45 9.11 7.34
CA ARG B 105 25.71 9.66 7.88
C ARG B 105 26.64 10.11 6.76
N ASN B 106 26.05 10.55 5.65
CA ASN B 106 26.79 10.96 4.46
CA ASN B 106 26.80 10.99 4.50
C ASN B 106 27.79 9.93 3.99
N GLY B 107 27.44 8.66 4.16
CA GLY B 107 28.28 7.56 3.70
C GLY B 107 29.30 7.05 4.69
N ALA B 108 29.32 7.58 5.91
CA ALA B 108 30.29 7.13 6.93
C ALA B 108 29.99 5.70 7.35
N ALA B 109 31.02 5.00 7.79
CA ALA B 109 30.91 3.60 8.23
C ALA B 109 30.10 3.41 9.48
N VAL B 110 29.37 2.30 9.50
CA VAL B 110 28.63 1.80 10.67
C VAL B 110 29.30 0.52 11.11
N THR B 111 29.41 0.36 12.41
CA THR B 111 30.08 -0.82 12.95
C THR B 111 29.25 -2.04 12.73
N GLY B 112 29.90 -3.05 12.15
CA GLY B 112 29.36 -4.36 11.95
C GLY B 112 29.68 -5.34 13.07
N VAL B 113 30.01 -6.58 12.68
CA VAL B 113 30.13 -7.68 13.60
C VAL B 113 31.60 -8.16 13.70
N THR B 114 31.85 -9.02 14.67
CA THR B 114 33.20 -9.52 14.94
C THR B 114 33.27 -11.06 15.09
N ASP B 115 32.20 -11.73 14.70
CA ASP B 115 32.13 -13.19 14.80
C ASP B 115 30.96 -13.74 13.96
N ARG B 116 30.76 -15.05 13.96
CA ARG B 116 29.73 -15.65 13.10
C ARG B 116 28.30 -15.28 13.48
N ASN B 117 27.99 -15.32 14.78
CA ASN B 117 26.61 -15.40 15.21
C ASN B 117 26.09 -14.31 16.13
N THR B 118 26.98 -13.54 16.74
CA THR B 118 26.54 -12.49 17.67
C THR B 118 26.03 -11.29 16.89
N VAL B 119 24.75 -11.02 17.07
CA VAL B 119 24.09 -9.92 16.35
C VAL B 119 24.52 -8.56 16.89
N VAL B 120 24.75 -7.62 15.98
CA VAL B 120 25.01 -6.25 16.32
C VAL B 120 23.92 -5.36 15.72
N ASN B 121 23.11 -4.75 16.59
CA ASN B 121 22.04 -3.84 16.20
C ASN B 121 22.58 -2.44 16.04
N HIS B 122 22.25 -1.78 14.94
CA HIS B 122 22.49 -0.35 14.80
C HIS B 122 21.15 0.40 14.74
N PHE B 123 20.85 1.19 15.77
CA PHE B 123 19.68 2.07 15.74
C PHE B 123 20.09 3.34 15.08
N PHE B 124 19.40 3.72 14.00
CA PHE B 124 19.75 4.89 13.26
C PHE B 124 19.66 6.15 14.12
N ASP B 125 20.60 7.04 13.89
CA ASP B 125 20.73 8.27 14.69
C ASP B 125 19.39 9.00 14.79
N THR B 126 18.69 9.09 13.66
CA THR B 126 17.28 9.47 13.58
C THR B 126 16.62 8.38 12.74
N PRO B 127 15.42 7.94 13.12
CA PRO B 127 14.77 6.94 12.26
C PRO B 127 14.64 7.39 10.79
N ILE B 128 14.74 6.43 9.88
CA ILE B 128 14.82 6.72 8.46
C ILE B 128 13.45 6.39 7.83
N ARG B 129 12.83 7.36 7.20
CA ARG B 129 11.61 7.15 6.43
C ARG B 129 11.96 6.80 5.00
N ALA B 130 11.62 5.59 4.57
CA ALA B 130 12.11 5.09 3.30
C ALA B 130 11.22 4.00 2.76
N ARG B 131 11.31 3.75 1.45
CA ARG B 131 10.78 2.55 0.80
C ARG B 131 11.86 1.51 0.65
N SER B 132 13.02 1.90 0.14
CA SER B 132 14.08 0.96 -0.09
C SER B 132 15.34 1.33 0.72
N ILE B 133 16.06 0.30 1.15
CA ILE B 133 17.23 0.49 2.00
C ILE B 133 18.28 -0.55 1.63
N ALA B 134 19.56 -0.19 1.67
CA ALA B 134 20.64 -1.08 1.22
C ALA B 134 21.80 -1.09 2.21
N ILE B 135 22.34 -2.28 2.43
CA ILE B 135 23.57 -2.45 3.18
C ILE B 135 24.71 -2.61 2.18
N HIS B 136 25.73 -1.78 2.31
CA HIS B 136 26.89 -1.80 1.43
C HIS B 136 28.15 -2.13 2.27
N PRO B 137 28.58 -3.40 2.28
CA PRO B 137 29.74 -3.77 3.07
C PRO B 137 30.99 -2.96 2.71
N LEU B 138 31.74 -2.51 3.71
CA LEU B 138 32.92 -1.71 3.44
C LEU B 138 34.21 -2.48 3.85
N THR B 139 34.10 -3.25 4.92
CA THR B 139 35.20 -4.12 5.39
C THR B 139 34.65 -5.46 5.86
N TRP B 140 35.46 -6.50 5.78
CA TRP B 140 35.01 -7.83 6.09
C TRP B 140 36.16 -8.71 6.54
N ASN B 141 35.78 -9.79 7.20
CA ASN B 141 36.68 -10.88 7.55
C ASN B 141 36.39 -12.05 6.66
N GLY B 142 37.36 -12.47 5.86
CA GLY B 142 37.26 -13.68 5.05
C GLY B 142 36.54 -13.51 3.72
N HIS B 143 35.29 -13.04 3.77
CA HIS B 143 34.46 -12.90 2.56
C HIS B 143 33.32 -11.94 2.94
N ILE B 144 32.68 -11.34 1.94
CA ILE B 144 31.46 -10.57 2.15
C ILE B 144 30.27 -11.55 2.28
N SER B 145 29.91 -11.81 3.53
CA SER B 145 28.91 -12.81 3.89
C SER B 145 28.16 -12.26 5.07
N LEU B 146 26.84 -12.28 4.99
CA LEU B 146 26.01 -11.74 6.09
C LEU B 146 24.63 -12.34 6.19
N ARG B 147 24.03 -12.21 7.39
CA ARG B 147 22.62 -12.28 7.59
C ARG B 147 22.20 -10.95 8.22
N CYS B 148 20.96 -10.57 8.01
CA CYS B 148 20.50 -9.24 8.48
C CYS B 148 19.01 -9.19 8.80
N GLU B 149 18.62 -8.10 9.46
CA GLU B 149 17.24 -7.76 9.64
C GLU B 149 17.07 -6.25 9.69
N PHE B 150 15.93 -5.76 9.23
CA PHE B 150 15.55 -4.37 9.38
C PHE B 150 14.31 -4.36 10.25
N TYR B 151 14.24 -3.38 11.16
CA TYR B 151 13.16 -3.28 12.12
C TYR B 151 12.48 -1.96 11.90
N THR B 152 11.17 -2.03 11.59
CA THR B 152 10.38 -0.83 11.30
C THR B 152 9.23 -0.67 12.27
N GLN B 153 8.73 0.56 12.39
CA GLN B 153 7.46 0.70 13.09
C GLN B 153 6.36 -0.06 12.35
N PRO B 154 5.35 -0.56 13.07
CA PRO B 154 4.22 -1.09 12.37
C PRO B 154 3.59 -0.08 11.42
N VAL B 155 3.11 -0.57 10.30
CA VAL B 155 2.43 0.27 9.33
C VAL B 155 0.93 0.09 9.52
N GLN B 156 0.20 1.13 9.15
CA GLN B 156 -1.24 1.07 8.99
C GLN B 156 -1.63 1.33 7.55
N SER B 157 -2.67 0.66 7.11
CA SER B 157 -3.13 0.79 5.74
C SER B 157 -4.59 1.21 5.83
N SER B 158 -4.92 2.32 5.17
CA SER B 158 -6.31 2.73 5.05
C SER B 158 -6.77 2.69 3.61
N VAL B 159 -8.09 2.52 3.47
CA VAL B 159 -8.78 2.64 2.17
C VAL B 159 -9.92 3.61 2.39
N THR B 160 -10.02 4.61 1.51
CA THR B 160 -10.98 5.71 1.68
C THR B 160 -11.86 5.80 0.41
N GLN B 161 -13.15 6.01 0.64
CA GLN B 161 -14.10 6.33 -0.41
C GLN B 161 -14.78 7.65 -0.06
N VAL B 162 -14.83 8.55 -1.06
CA VAL B 162 -15.56 9.78 -0.97
C VAL B 162 -16.83 9.67 -1.80
N GLY B 163 -17.93 10.15 -1.23
CA GLY B 163 -19.20 10.18 -1.95
C GLY B 163 -19.76 11.58 -1.86
N ALA B 164 -20.17 12.12 -2.97
CA ALA B 164 -20.61 13.51 -3.01
C ALA B 164 -22.12 13.65 -3.14
N ASP B 165 -22.64 14.70 -2.50
CA ASP B 165 -23.92 15.28 -2.84
C ASP B 165 -25.11 14.41 -2.49
N ILE B 166 -25.07 13.82 -1.32
CA ILE B 166 -26.23 13.09 -0.80
C ILE B 166 -27.26 14.18 -0.39
N TYR B 167 -28.49 14.08 -0.87
CA TYR B 167 -29.42 15.22 -0.84
C TYR B 167 -30.80 14.80 -0.33
N THR B 168 -31.42 15.66 0.47
CA THR B 168 -32.77 15.40 0.93
C THR B 168 -33.82 15.49 -0.21
N GLY B 169 -33.51 16.27 -1.24
CA GLY B 169 -34.52 16.71 -2.19
C GLY B 169 -35.00 18.08 -1.79
N ASP B 170 -35.48 18.84 -2.78
CA ASP B 170 -36.06 20.17 -2.52
C ASP B 170 -37.34 20.02 -1.71
N ASN B 171 -37.62 20.98 -0.82
CA ASN B 171 -38.89 21.01 -0.06
C ASN B 171 -39.17 19.65 0.56
N CYS B 172 -38.18 19.15 1.28
CA CYS B 172 -38.24 17.80 1.86
C CYS B 172 -39.15 17.73 3.09
N ALA B 173 -39.34 16.52 3.63
CA ALA B 173 -40.30 16.30 4.69
C ALA B 173 -39.91 17.05 5.97
N LEU B 174 -38.64 17.44 6.08
CA LEU B 174 -38.22 18.27 7.21
C LEU B 174 -38.80 19.69 7.17
N ASN B 175 -39.48 20.04 6.09
CA ASN B 175 -40.00 21.41 5.87
C ASN B 175 -41.44 21.56 6.39
N THR B 176 -41.92 20.53 7.09
CA THR B 176 -43.24 20.53 7.72
CA THR B 176 -43.20 20.60 7.76
C THR B 176 -43.15 19.82 9.07
N GLY B 177 -44.11 20.07 9.94
CA GLY B 177 -44.20 19.33 11.16
C GLY B 177 -43.36 19.92 12.31
N SER B 178 -43.41 19.22 13.42
CA SER B 178 -42.84 19.62 14.70
C SER B 178 -42.16 18.43 15.37
N GLY B 179 -41.17 18.71 16.20
CA GLY B 179 -40.44 17.69 16.95
C GLY B 179 -39.35 17.06 16.11
N LYS B 180 -38.77 15.99 16.63
CA LYS B 180 -37.65 15.35 15.92
C LYS B 180 -38.19 14.71 14.63
N ARG B 181 -37.61 15.08 13.48
CA ARG B 181 -38.01 14.58 12.16
C ARG B 181 -36.76 14.22 11.41
N GLU B 182 -36.83 13.14 10.65
CA GLU B 182 -35.68 12.57 9.89
C GLU B 182 -36.06 12.27 8.46
N VAL B 183 -35.13 12.48 7.53
CA VAL B 183 -35.26 12.00 6.15
C VAL B 183 -34.05 11.10 5.91
N VAL B 184 -34.27 9.85 5.56
CA VAL B 184 -33.21 8.87 5.44
C VAL B 184 -32.95 8.60 3.97
N VAL B 185 -31.66 8.73 3.60
CA VAL B 185 -31.19 8.44 2.21
C VAL B 185 -30.17 7.29 2.29
N PRO B 186 -30.56 6.08 1.84
CA PRO B 186 -29.58 5.01 1.83
C PRO B 186 -28.44 5.29 0.86
N VAL B 187 -27.24 4.95 1.29
CA VAL B 187 -26.03 5.13 0.50
C VAL B 187 -25.30 3.81 0.37
N LYS B 188 -24.94 3.47 -0.85
CA LYS B 188 -24.13 2.27 -1.11
C LYS B 188 -22.78 2.72 -1.59
N PHE B 189 -21.72 2.24 -0.95
CA PHE B 189 -20.37 2.58 -1.39
C PHE B 189 -20.12 1.98 -2.78
N GLN B 190 -19.27 2.63 -3.56
CA GLN B 190 -18.90 2.13 -4.88
C GLN B 190 -18.34 0.71 -4.83
N PHE B 191 -17.54 0.41 -3.82
CA PHE B 191 -17.13 -0.99 -3.56
C PHE B 191 -17.25 -1.32 -2.07
N GLU B 192 -17.35 -2.60 -1.75
CA GLU B 192 -17.46 -3.03 -0.39
C GLU B 192 -16.11 -3.02 0.30
N PHE B 193 -16.04 -2.42 1.45
CA PHE B 193 -14.85 -2.42 2.25
C PHE B 193 -14.55 -3.81 2.82
N ALA B 194 -13.26 -4.08 3.04
CA ALA B 194 -12.84 -5.33 3.67
C ALA B 194 -13.11 -5.42 5.15
N THR B 195 -13.12 -4.27 5.84
CA THR B 195 -13.41 -4.14 7.27
C THR B 195 -14.37 -2.95 7.44
N LEU B 196 -14.92 -2.82 8.64
CA LEU B 196 -15.94 -1.81 8.90
C LEU B 196 -15.36 -0.40 8.85
N PRO B 197 -15.94 0.47 8.00
CA PRO B 197 -15.39 1.84 7.94
C PRO B 197 -15.94 2.75 9.04
N LYS B 198 -15.24 3.84 9.24
CA LYS B 198 -15.75 5.00 9.96
C LYS B 198 -16.12 6.03 8.94
N VAL B 199 -17.17 6.77 9.24
CA VAL B 199 -17.73 7.70 8.27
C VAL B 199 -17.89 9.12 8.82
N ALA B 200 -17.30 10.07 8.10
CA ALA B 200 -17.53 11.52 8.25
C ALA B 200 -18.57 11.94 7.23
N LEU B 201 -19.52 12.76 7.65
CA LEU B 201 -20.68 13.08 6.80
C LEU B 201 -21.08 14.48 7.21
N ASN B 202 -20.75 15.42 6.34
CA ASN B 202 -20.79 16.85 6.69
C ASN B 202 -21.51 17.71 5.64
N PHE B 203 -22.01 18.86 6.06
CA PHE B 203 -22.85 19.68 5.17
C PHE B 203 -22.09 20.38 4.05
N ASP B 204 -22.69 20.42 2.86
CA ASP B 204 -22.23 21.33 1.82
C ASP B 204 -23.32 22.25 1.24
N GLN B 205 -24.59 22.06 1.64
CA GLN B 205 -25.64 23.01 1.21
C GLN B 205 -26.76 22.96 2.22
N ILE B 206 -27.15 24.14 2.69
CA ILE B 206 -28.12 24.30 3.74
C ILE B 206 -29.18 25.30 3.30
N ASP B 207 -30.44 24.91 3.44
CA ASP B 207 -31.59 25.75 3.06
C ASP B 207 -32.66 25.54 4.12
N CYS B 208 -32.69 26.42 5.14
CA CYS B 208 -33.52 26.15 6.30
C CYS B 208 -34.05 27.42 6.92
N THR B 209 -35.14 27.26 7.67
CA THR B 209 -35.78 28.38 8.37
C THR B 209 -35.44 28.34 9.86
N ASP B 210 -35.17 29.50 10.46
CA ASP B 210 -35.00 29.53 11.89
C ASP B 210 -36.36 29.41 12.59
N ALA B 211 -36.29 29.12 13.88
CA ALA B 211 -37.45 29.05 14.76
C ALA B 211 -37.10 29.79 16.04
N THR B 212 -37.80 30.92 16.26
CA THR B 212 -37.46 31.88 17.28
C THR B 212 -35.93 32.11 17.31
N ASN B 213 -35.43 32.44 16.12
CA ASN B 213 -34.02 32.76 15.89
C ASN B 213 -33.03 31.61 15.97
N GLN B 214 -33.53 30.40 16.20
CA GLN B 214 -32.65 29.22 16.34
C GLN B 214 -32.56 28.44 15.06
N THR B 215 -31.33 28.06 14.71
CA THR B 215 -31.06 27.12 13.61
C THR B 215 -30.81 25.79 14.28
N ARG B 216 -31.43 24.72 13.75
CA ARG B 216 -31.32 23.34 14.29
C ARG B 216 -31.29 22.40 13.10
N ILE B 217 -30.09 21.91 12.77
CA ILE B 217 -29.94 20.99 11.63
C ILE B 217 -28.88 19.96 11.97
N GLY B 218 -29.03 18.77 11.39
CA GLY B 218 -28.08 17.72 11.58
C GLY B 218 -28.09 16.68 10.50
N VAL B 219 -26.99 15.97 10.41
CA VAL B 219 -26.84 14.86 9.48
C VAL B 219 -25.91 13.86 10.12
N GLN B 220 -26.24 12.59 9.98
CA GLN B 220 -25.53 11.51 10.71
C GLN B 220 -25.71 10.16 10.02
N PRO B 221 -24.64 9.36 9.92
CA PRO B 221 -24.82 7.99 9.40
C PRO B 221 -25.49 7.10 10.43
N ARG B 222 -26.25 6.14 9.95
CA ARG B 222 -26.84 5.10 10.81
C ARG B 222 -26.64 3.75 10.10
N ASN B 223 -26.43 2.70 10.88
CA ASN B 223 -26.34 1.35 10.32
C ASN B 223 -25.17 1.23 9.33
N ILE B 224 -24.02 1.74 9.72
CA ILE B 224 -22.82 1.64 8.84
C ILE B 224 -22.44 0.14 8.77
N THR B 225 -22.26 -0.33 7.55
CA THR B 225 -21.73 -1.64 7.28
C THR B 225 -20.58 -1.53 6.29
N THR B 226 -20.00 -2.68 5.95
CA THR B 226 -19.00 -2.65 4.90
C THR B 226 -19.53 -2.25 3.52
N LYS B 227 -20.86 -2.29 3.32
CA LYS B 227 -21.44 -2.02 2.01
C LYS B 227 -22.00 -0.62 1.84
N GLY B 228 -22.32 0.05 2.94
CA GLY B 228 -22.92 1.39 2.88
C GLY B 228 -23.46 1.79 4.23
N PHE B 229 -24.34 2.78 4.20
CA PHE B 229 -24.95 3.32 5.42
C PHE B 229 -26.22 4.08 5.10
N ASP B 230 -27.01 4.39 6.13
CA ASP B 230 -28.18 5.24 5.97
C ASP B 230 -27.76 6.69 6.34
N CYS B 231 -27.90 7.61 5.39
CA CYS B 231 -27.66 9.02 5.62
C CYS B 231 -28.92 9.65 6.20
N VAL B 232 -28.85 10.03 7.47
CA VAL B 232 -30.02 10.54 8.21
C VAL B 232 -29.87 12.06 8.35
N PHE B 233 -30.72 12.79 7.61
CA PHE B 233 -30.81 14.24 7.75
C PHE B 233 -31.92 14.51 8.75
N TYR B 234 -31.73 15.51 9.61
CA TYR B 234 -32.77 15.76 10.61
C TYR B 234 -32.83 17.18 11.11
N THR B 235 -33.98 17.49 11.71
CA THR B 235 -34.19 18.72 12.46
C THR B 235 -35.03 18.34 13.67
N TRP B 236 -35.29 19.32 14.51
CA TRP B 236 -36.08 19.06 15.71
C TRP B 236 -36.74 20.36 16.17
N ASN B 237 -37.48 20.32 17.27
CA ASN B 237 -38.22 21.48 17.75
C ASN B 237 -39.19 21.94 16.62
N GLU B 238 -39.43 23.23 16.47
CA GLU B 238 -40.36 23.73 15.47
C GLU B 238 -39.71 24.06 14.15
N ASN B 239 -38.43 23.75 13.95
CA ASN B 239 -37.72 24.21 12.75
C ASN B 239 -38.24 23.54 11.51
N LYS B 240 -38.22 24.30 10.43
CA LYS B 240 -38.57 23.81 9.12
C LYS B 240 -37.34 23.90 8.27
N VAL B 241 -36.99 22.79 7.60
CA VAL B 241 -35.78 22.70 6.81
C VAL B 241 -36.19 22.29 5.41
N TYR B 242 -35.91 23.17 4.44
CA TYR B 242 -36.32 22.94 3.06
C TYR B 242 -35.49 21.86 2.41
N SER B 243 -34.18 21.95 2.61
CA SER B 243 -33.28 20.93 2.10
C SER B 243 -31.95 20.94 2.82
N LEU B 244 -31.25 19.80 2.73
CA LEU B 244 -29.88 19.67 3.21
C LEU B 244 -29.12 18.75 2.24
N ARG B 245 -27.83 19.06 2.07
CA ARG B 245 -26.93 18.24 1.23
C ARG B 245 -25.65 18.02 2.03
N ALA B 246 -25.05 16.85 1.81
CA ALA B 246 -23.83 16.46 2.49
C ALA B 246 -22.94 15.66 1.58
N ASP B 247 -21.64 15.74 1.85
CA ASP B 247 -20.67 14.80 1.27
C ASP B 247 -20.18 13.85 2.41
N TYR B 248 -19.76 12.65 2.05
CA TYR B 248 -19.21 11.71 3.02
C TYR B 248 -17.82 11.28 2.67
N ILE B 249 -17.12 10.85 3.70
CA ILE B 249 -15.79 10.29 3.56
C ILE B 249 -15.80 9.07 4.47
N ALA B 250 -15.61 7.90 3.86
CA ALA B 250 -15.63 6.62 4.62
C ALA B 250 -14.25 5.97 4.51
N THR B 251 -13.67 5.63 5.65
CA THR B 251 -12.30 5.03 5.66
C THR B 251 -12.30 3.78 6.49
N ALA B 252 -11.73 2.72 5.93
CA ALA B 252 -11.57 1.45 6.63
C ALA B 252 -10.07 1.23 6.80
N LEU B 253 -9.73 0.68 7.96
CA LEU B 253 -8.35 0.39 8.37
C LEU B 253 -8.02 -1.06 8.36
N GLU B 254 -6.77 -1.33 7.97
CA GLU B 254 -6.20 -2.65 8.07
C GLU B 254 -6.99 -3.72 7.28
N SER C 3 -14.49 -22.56 -8.20
CA SER C 3 -14.59 -22.33 -6.71
C SER C 3 -13.85 -21.06 -6.31
N THR C 4 -12.80 -20.74 -7.07
CA THR C 4 -11.98 -19.57 -6.75
C THR C 4 -12.21 -18.44 -7.74
N GLN C 5 -13.33 -18.49 -8.48
CA GLN C 5 -13.63 -17.46 -9.46
CA GLN C 5 -13.65 -17.47 -9.46
C GLN C 5 -13.64 -16.11 -8.80
N GLY C 6 -13.07 -15.12 -9.49
CA GLY C 6 -13.10 -13.77 -9.01
C GLY C 6 -12.05 -13.44 -7.97
N LEU C 7 -11.29 -14.45 -7.54
CA LEU C 7 -10.25 -14.22 -6.53
C LEU C 7 -8.86 -14.02 -7.19
N VAL C 8 -7.98 -13.37 -6.45
CA VAL C 8 -6.61 -13.13 -6.90
C VAL C 8 -5.77 -14.35 -6.56
N GLN C 9 -5.08 -14.90 -7.56
CA GLN C 9 -4.04 -15.94 -7.34
C GLN C 9 -2.72 -15.25 -6.94
N LEU C 10 -2.35 -15.27 -5.66
CA LEU C 10 -1.30 -14.38 -5.17
C LEU C 10 0.06 -14.66 -5.80
N LEU C 11 0.48 -15.93 -5.77
CA LEU C 11 1.80 -16.28 -6.29
C LEU C 11 1.82 -16.13 -7.81
N ALA C 12 0.76 -16.52 -8.51
CA ALA C 12 0.76 -16.41 -9.95
C ALA C 12 0.91 -14.98 -10.40
N ASN C 13 0.34 -14.05 -9.64
CA ASN C 13 0.41 -12.63 -9.97
C ASN C 13 1.64 -11.95 -9.36
N ALA C 14 2.53 -12.71 -8.73
CA ALA C 14 3.76 -12.17 -8.14
C ALA C 14 3.46 -11.05 -7.11
N GLN C 15 2.41 -11.27 -6.31
CA GLN C 15 1.92 -10.28 -5.35
C GLN C 15 2.51 -10.46 -3.94
N CYS C 16 3.36 -11.44 -3.76
CA CYS C 16 4.00 -11.62 -2.45
C CYS C 16 5.49 -11.95 -2.56
N HIS C 17 6.22 -11.67 -1.48
CA HIS C 17 7.58 -12.18 -1.31
C HIS C 17 7.46 -13.55 -0.70
N LEU C 18 8.33 -14.46 -1.12
CA LEU C 18 8.35 -15.83 -0.54
C LEU C 18 9.69 -16.08 0.17
N ARG C 19 9.62 -16.43 1.47
CA ARG C 19 10.76 -16.84 2.29
C ARG C 19 10.54 -18.27 2.72
N THR C 20 11.57 -19.11 2.60
CA THR C 20 11.47 -20.48 3.07
C THR C 20 12.41 -20.73 4.22
N SER C 21 12.13 -21.77 4.98
CA SER C 21 12.99 -22.14 6.07
C SER C 21 14.36 -22.66 5.56
N THR C 22 14.27 -23.63 4.66
CA THR C 22 15.43 -24.18 3.95
C THR C 22 15.04 -24.58 2.56
N ASN C 23 16.04 -24.62 1.67
CA ASN C 23 15.90 -25.08 0.28
C ASN C 23 16.91 -26.22 0.01
N TYR C 24 16.43 -27.32 -0.55
CA TYR C 24 17.27 -28.54 -0.76
C TYR C 24 18.56 -28.19 -1.47
N ASN C 25 18.44 -27.39 -2.52
CA ASN C 25 19.55 -26.69 -3.16
C ASN C 25 18.98 -25.58 -4.05
N GLY C 26 19.79 -24.98 -4.89
CA GLY C 26 19.39 -23.81 -5.62
C GLY C 26 18.43 -24.02 -6.75
N VAL C 27 18.06 -25.27 -7.05
CA VAL C 27 17.04 -25.56 -8.02
C VAL C 27 15.85 -26.31 -7.40
N HIS C 28 15.71 -26.18 -6.07
CA HIS C 28 14.55 -26.69 -5.37
C HIS C 28 13.93 -25.57 -4.54
N THR C 29 14.10 -24.31 -4.94
CA THR C 29 13.69 -23.18 -4.11
C THR C 29 12.24 -22.77 -4.35
N GLN C 30 11.85 -21.73 -3.65
CA GLN C 30 10.58 -21.09 -3.82
C GLN C 30 10.35 -20.51 -5.21
N PHE C 31 11.39 -20.39 -6.04
CA PHE C 31 11.17 -20.01 -7.44
C PHE C 31 10.30 -21.05 -8.16
N ASN C 32 10.24 -22.28 -7.59
CA ASN C 32 9.58 -23.43 -8.23
C ASN C 32 8.27 -23.81 -7.50
N SER C 33 7.69 -22.84 -6.76
CA SER C 33 6.61 -23.14 -5.79
C SER C 33 5.19 -22.90 -6.32
N ALA C 34 5.06 -22.20 -7.45
CA ALA C 34 3.69 -21.85 -7.93
C ALA C 34 2.87 -23.10 -8.24
N LEU C 35 1.58 -23.09 -7.89
CA LEU C 35 0.67 -24.12 -8.32
C LEU C 35 0.89 -24.40 -9.82
N ASN C 36 0.96 -25.69 -10.16
CA ASN C 36 1.09 -26.16 -11.52
C ASN C 36 2.41 -25.79 -12.21
N TYR C 37 3.39 -25.33 -11.43
CA TYR C 37 4.75 -25.13 -11.97
C TYR C 37 5.25 -26.43 -12.59
N LYS C 38 5.70 -26.29 -13.80
CA LYS C 38 6.33 -27.40 -14.54
C LYS C 38 7.59 -26.88 -15.18
N ASN C 39 8.60 -27.74 -15.28
CA ASN C 39 9.85 -27.32 -15.87
C ASN C 39 10.32 -28.27 -16.96
N ASN C 40 11.62 -28.26 -17.26
CA ASN C 40 12.16 -29.08 -18.34
C ASN C 40 12.31 -30.53 -17.87
N GLY C 41 11.44 -31.41 -18.34
CA GLY C 41 11.49 -32.81 -17.94
C GLY C 41 12.60 -33.58 -18.64
N THR C 42 13.24 -32.99 -19.65
CA THR C 42 14.33 -33.68 -20.36
C THR C 42 15.71 -33.26 -19.83
N ASN C 43 15.78 -32.27 -18.96
CA ASN C 43 17.04 -31.78 -18.39
C ASN C 43 16.97 -31.77 -16.86
N THR C 44 17.90 -32.42 -16.18
CA THR C 44 17.82 -32.56 -14.71
C THR C 44 18.24 -31.27 -14.02
N ILE C 45 18.91 -30.37 -14.74
CA ILE C 45 19.64 -29.30 -14.08
C ILE C 45 18.73 -28.23 -13.51
N ASP C 46 17.49 -28.15 -14.00
CA ASP C 46 16.60 -27.11 -13.50
C ASP C 46 15.80 -27.55 -12.29
N GLY C 47 16.01 -28.77 -11.81
CA GLY C 47 15.57 -29.19 -10.47
C GLY C 47 14.11 -29.65 -10.41
N SER C 48 13.48 -29.37 -9.27
CA SER C 48 12.21 -29.98 -8.91
C SER C 48 11.01 -29.14 -9.31
N GLU C 49 9.89 -29.81 -9.61
CA GLU C 49 8.62 -29.15 -9.83
C GLU C 49 7.93 -28.96 -8.46
N ALA C 50 8.58 -28.15 -7.61
CA ALA C 50 8.19 -27.91 -6.22
C ALA C 50 9.27 -27.12 -5.49
N TRP C 51 8.89 -26.42 -4.42
CA TRP C 51 9.82 -26.08 -3.37
C TRP C 51 10.05 -27.33 -2.54
N CYS C 52 11.32 -27.66 -2.29
CA CYS C 52 11.62 -28.81 -1.41
C CYS C 52 12.59 -28.35 -0.33
N SER C 53 12.36 -28.71 0.93
CA SER C 53 13.22 -28.31 2.00
C SER C 53 14.55 -29.06 2.04
N SER C 54 15.50 -28.56 2.80
CA SER C 54 16.76 -29.28 3.02
CA SER C 54 16.75 -29.30 3.00
C SER C 54 16.74 -30.12 4.29
N ILE C 55 16.06 -29.64 5.31
CA ILE C 55 15.87 -30.37 6.56
C ILE C 55 14.47 -30.97 6.49
N VAL C 56 14.38 -32.24 6.86
CA VAL C 56 13.11 -32.94 6.84
C VAL C 56 12.70 -33.15 8.28
N ASP C 57 11.86 -32.24 8.75
CA ASP C 57 11.33 -32.27 10.12
C ASP C 57 10.05 -31.44 10.14
N THR C 58 9.45 -31.26 11.32
CA THR C 58 8.20 -30.55 11.43
C THR C 58 8.39 -29.05 11.66
N ASN C 59 9.58 -28.52 11.37
CA ASN C 59 9.91 -27.12 11.62
C ASN C 59 10.07 -26.31 10.32
N GLN C 60 9.70 -26.88 9.19
CA GLN C 60 9.90 -26.21 7.89
C GLN C 60 8.70 -25.36 7.56
N TYR C 61 8.88 -24.42 6.61
CA TYR C 61 7.75 -23.56 6.25
C TYR C 61 8.10 -22.74 5.01
N ILE C 62 7.07 -22.27 4.37
CA ILE C 62 7.19 -21.25 3.30
C ILE C 62 6.26 -20.13 3.76
N VAL C 63 6.78 -18.90 3.78
CA VAL C 63 6.01 -17.70 4.15
C VAL C 63 5.73 -16.84 2.94
N ALA C 64 4.49 -16.42 2.77
CA ALA C 64 4.13 -15.46 1.71
C ALA C 64 3.82 -14.15 2.40
N GLY C 65 4.47 -13.06 1.98
CA GLY C 65 4.23 -11.80 2.60
C GLY C 65 3.75 -10.74 1.62
N CYS C 66 2.68 -10.07 2.04
CA CYS C 66 2.10 -8.94 1.35
C CYS C 66 2.21 -7.71 2.23
N GLU C 67 2.60 -6.58 1.66
CA GLU C 67 2.60 -5.35 2.43
C GLU C 67 1.23 -4.75 2.62
N VAL C 68 0.32 -5.06 1.70
CA VAL C 68 -1.05 -4.53 1.74
C VAL C 68 -1.91 -5.66 2.33
N PRO C 69 -2.67 -5.38 3.39
CA PRO C 69 -3.50 -6.44 3.96
C PRO C 69 -4.48 -7.06 2.97
N ARG C 70 -4.67 -8.38 3.07
CA ARG C 70 -5.53 -9.12 2.18
C ARG C 70 -6.54 -9.94 2.99
N THR C 71 -7.64 -10.28 2.35
CA THR C 71 -8.59 -11.24 2.93
C THR C 71 -8.32 -12.55 2.19
N PHE C 72 -7.70 -13.48 2.91
CA PHE C 72 -7.40 -14.82 2.37
C PHE C 72 -8.60 -15.77 2.49
N MET C 73 -9.08 -16.24 1.34
CA MET C 73 -10.23 -17.10 1.24
C MET C 73 -9.81 -18.57 1.25
N CYS C 74 -8.68 -18.88 0.63
CA CYS C 74 -8.38 -20.28 0.37
C CYS C 74 -6.87 -20.44 0.20
N VAL C 75 -6.35 -21.57 0.64
CA VAL C 75 -4.99 -22.02 0.30
C VAL C 75 -5.11 -23.34 -0.50
N ALA C 76 -4.40 -23.43 -1.63
CA ALA C 76 -4.36 -24.65 -2.45
C ALA C 76 -2.98 -25.28 -2.23
N LEU C 77 -2.97 -26.58 -1.96
CA LEU C 77 -1.73 -27.35 -1.93
C LEU C 77 -1.67 -28.36 -3.08
N GLN C 78 -0.43 -28.65 -3.51
CA GLN C 78 -0.18 -29.60 -4.60
C GLN C 78 1.17 -30.25 -4.30
N GLY C 79 1.30 -31.50 -4.75
CA GLY C 79 2.55 -32.21 -4.55
C GLY C 79 3.60 -31.78 -5.57
N ARG C 80 4.71 -32.51 -5.54
CA ARG C 80 5.83 -32.31 -6.46
C ARG C 80 5.54 -32.96 -7.80
N GLY C 81 5.76 -32.24 -8.88
CA GLY C 81 5.32 -32.70 -10.19
C GLY C 81 6.12 -33.85 -10.78
N ASP C 82 7.40 -33.93 -10.38
CA ASP C 82 8.36 -34.82 -11.08
C ASP C 82 8.82 -35.96 -10.21
N ALA C 83 8.34 -36.08 -8.98
CA ALA C 83 8.71 -37.21 -8.09
C ALA C 83 7.60 -37.43 -7.09
N ASP C 84 7.59 -38.59 -6.46
CA ASP C 84 6.51 -38.94 -5.51
C ASP C 84 6.77 -38.38 -4.13
N GLN C 85 6.67 -37.05 -4.04
CA GLN C 85 6.91 -36.35 -2.79
C GLN C 85 5.78 -35.31 -2.67
N TRP C 86 5.15 -35.30 -1.52
CA TRP C 86 4.02 -34.38 -1.30
C TRP C 86 3.75 -34.24 0.18
N VAL C 87 3.02 -33.17 0.52
CA VAL C 87 2.73 -32.85 1.90
C VAL C 87 1.26 -33.24 2.17
N THR C 88 1.09 -34.11 3.16
CA THR C 88 -0.22 -34.73 3.41
C THR C 88 -1.06 -33.98 4.46
N SER C 89 -0.41 -33.26 5.36
CA SER C 89 -1.13 -32.30 6.22
C SER C 89 -0.19 -31.15 6.59
N TYR C 90 -0.77 -30.04 7.05
CA TYR C 90 0.01 -28.82 7.34
C TYR C 90 -0.76 -27.90 8.31
N LYS C 91 -0.06 -27.00 8.98
CA LYS C 91 -0.74 -25.95 9.70
C LYS C 91 -0.48 -24.60 9.02
N ILE C 92 -1.40 -23.68 9.29
CA ILE C 92 -1.36 -22.29 8.74
C ILE C 92 -1.12 -21.34 9.88
N ARG C 93 -0.15 -20.43 9.72
CA ARG C 93 0.11 -19.38 10.69
C ARG C 93 -0.03 -18.09 9.88
N TYR C 94 -0.36 -17.02 10.57
CA TYR C 94 -0.55 -15.73 9.85
C TYR C 94 -0.38 -14.55 10.76
N SER C 95 -0.08 -13.37 10.14
CA SER C 95 0.03 -12.14 10.90
C SER C 95 -0.55 -10.99 10.12
N LEU C 96 -1.32 -10.14 10.80
CA LEU C 96 -1.85 -8.91 10.17
C LEU C 96 -0.90 -7.75 10.38
N ASP C 97 -0.41 -7.54 11.60
CA ASP C 97 0.49 -6.40 11.87
C ASP C 97 1.99 -6.69 11.74
N ASN C 98 2.34 -7.96 11.46
CA ASN C 98 3.72 -8.39 11.33
C ASN C 98 4.53 -8.25 12.60
N VAL C 99 3.80 -8.22 13.72
CA VAL C 99 4.40 -8.18 15.04
C VAL C 99 3.92 -9.41 15.77
N SER C 100 2.61 -9.60 15.86
CA SER C 100 2.04 -10.83 16.48
C SER C 100 1.52 -11.79 15.44
N TRP C 101 1.87 -13.08 15.59
CA TRP C 101 1.46 -14.15 14.73
C TRP C 101 0.42 -15.03 15.45
N PHE C 102 -0.49 -15.56 14.66
CA PHE C 102 -1.57 -16.41 15.11
C PHE C 102 -1.61 -17.71 14.31
N GLU C 103 -2.29 -18.72 14.85
CA GLU C 103 -2.42 -19.98 14.10
C GLU C 103 -3.86 -20.27 13.80
N TYR C 104 -4.14 -20.62 12.55
CA TYR C 104 -5.44 -21.08 12.10
C TYR C 104 -5.79 -22.34 12.86
N ARG C 105 -7.03 -22.41 13.37
CA ARG C 105 -7.52 -23.59 14.13
C ARG C 105 -6.62 -23.94 15.30
N ASN C 106 -6.03 -22.91 15.91
CA ASN C 106 -5.10 -23.04 17.01
CA ASN C 106 -5.09 -23.05 17.01
C ASN C 106 -3.94 -23.99 16.69
N GLY C 107 -3.60 -24.09 15.40
CA GLY C 107 -2.49 -24.92 14.98
C GLY C 107 -2.84 -26.34 14.57
N ALA C 108 -4.13 -26.66 14.49
CA ALA C 108 -4.54 -28.00 14.04
C ALA C 108 -4.16 -28.23 12.58
N ALA C 109 -3.96 -29.50 12.24
CA ALA C 109 -3.61 -29.86 10.89
C ALA C 109 -4.75 -29.63 9.90
N VAL C 110 -4.39 -29.21 8.70
CA VAL C 110 -5.30 -29.07 7.62
C VAL C 110 -4.93 -30.19 6.65
N THR C 111 -5.93 -30.73 5.96
CA THR C 111 -5.69 -31.83 5.03
C THR C 111 -5.00 -31.37 3.79
N GLY C 112 -3.87 -32.03 3.54
CA GLY C 112 -3.11 -31.81 2.34
C GLY C 112 -3.49 -32.73 1.20
N VAL C 113 -2.47 -33.17 0.44
CA VAL C 113 -2.68 -33.87 -0.80
C VAL C 113 -2.26 -35.36 -0.64
N THR C 114 -2.54 -36.12 -1.67
CA THR C 114 -2.31 -37.54 -1.66
C THR C 114 -1.58 -38.05 -2.90
N ASP C 115 -1.10 -37.16 -3.75
CA ASP C 115 -0.45 -37.54 -4.99
C ASP C 115 0.36 -36.36 -5.49
N ARG C 116 0.92 -36.47 -6.69
CA ARG C 116 1.80 -35.40 -7.22
C ARG C 116 1.06 -34.13 -7.69
N ASN C 117 -0.08 -34.30 -8.37
CA ASN C 117 -0.66 -33.22 -9.19
C ASN C 117 -2.10 -32.77 -8.84
N THR C 118 -2.82 -33.58 -8.08
CA THR C 118 -4.20 -33.27 -7.76
C THR C 118 -4.26 -32.22 -6.66
N VAL C 119 -4.74 -31.03 -7.04
CA VAL C 119 -4.77 -29.90 -6.10
C VAL C 119 -5.84 -30.14 -5.08
N VAL C 120 -5.52 -29.81 -3.82
CA VAL C 120 -6.48 -29.80 -2.74
C VAL C 120 -6.62 -28.37 -2.19
N ASN C 121 -7.81 -27.79 -2.41
CA ASN C 121 -8.18 -26.46 -1.90
C ASN C 121 -8.68 -26.53 -0.47
N HIS C 122 -8.22 -25.64 0.37
CA HIS C 122 -8.84 -25.45 1.68
C HIS C 122 -9.36 -24.02 1.80
N PHE C 123 -10.68 -23.89 1.87
CA PHE C 123 -11.32 -22.63 2.19
C PHE C 123 -11.33 -22.45 3.70
N PHE C 124 -10.75 -21.34 4.18
CA PHE C 124 -10.62 -21.15 5.61
C PHE C 124 -12.01 -21.03 6.26
N ASP C 125 -12.15 -21.63 7.45
CA ASP C 125 -13.45 -21.62 8.17
C ASP C 125 -14.06 -20.24 8.19
N THR C 126 -13.23 -19.24 8.56
CA THR C 126 -13.55 -17.81 8.41
C THR C 126 -12.43 -17.22 7.56
N PRO C 127 -12.76 -16.42 6.53
CA PRO C 127 -11.59 -15.78 5.85
C PRO C 127 -10.61 -15.09 6.78
N ILE C 128 -9.33 -15.12 6.42
CA ILE C 128 -8.29 -14.62 7.30
C ILE C 128 -7.80 -13.26 6.81
N ARG C 129 -7.84 -12.26 7.68
CA ARG C 129 -7.31 -10.92 7.32
C ARG C 129 -5.86 -10.85 7.74
N ALA C 130 -4.92 -10.75 6.77
CA ALA C 130 -3.53 -10.83 7.10
C ALA C 130 -2.63 -10.14 6.07
N ARG C 131 -1.40 -9.87 6.49
CA ARG C 131 -0.30 -9.42 5.58
C ARG C 131 0.53 -10.64 5.18
N SER C 132 0.92 -11.44 6.17
CA SER C 132 1.77 -12.57 5.89
C SER C 132 1.12 -13.87 6.37
N ILE C 133 1.41 -14.94 5.63
CA ILE C 133 0.78 -16.24 5.87
C ILE C 133 1.79 -17.33 5.58
N ALA C 134 1.75 -18.42 6.34
CA ALA C 134 2.80 -19.42 6.22
C ALA C 134 2.18 -20.81 6.26
N ILE C 135 2.70 -21.69 5.40
CA ILE C 135 2.35 -23.11 5.36
C ILE C 135 3.47 -23.80 6.11
N HIS C 136 3.11 -24.58 7.15
CA HIS C 136 4.06 -25.34 7.95
C HIS C 136 3.72 -26.83 7.79
N PRO C 137 4.46 -27.56 6.95
CA PRO C 137 4.17 -28.99 6.71
C PRO C 137 4.29 -29.79 8.01
N LEU C 138 3.31 -30.67 8.23
CA LEU C 138 3.26 -31.46 9.47
C LEU C 138 3.50 -32.95 9.16
N THR C 139 3.03 -33.41 8.02
CA THR C 139 3.25 -34.80 7.57
C THR C 139 3.46 -34.79 6.09
N TRP C 140 4.22 -35.76 5.58
CA TRP C 140 4.55 -35.79 4.19
C TRP C 140 4.84 -37.22 3.72
N ASN C 141 4.78 -37.37 2.41
CA ASN C 141 5.15 -38.60 1.72
C ASN C 141 6.47 -38.35 1.04
N GLY C 142 7.51 -39.07 1.45
CA GLY C 142 8.78 -39.00 0.75
C GLY C 142 9.68 -37.85 1.19
N HIS C 143 9.18 -36.63 1.06
CA HIS C 143 9.98 -35.47 1.36
C HIS C 143 9.01 -34.32 1.52
N ILE C 144 9.46 -33.24 2.15
CA ILE C 144 8.70 -31.97 2.26
C ILE C 144 8.87 -31.19 0.97
N SER C 145 7.94 -31.39 0.07
CA SER C 145 7.96 -30.84 -1.29
C SER C 145 6.55 -30.41 -1.68
N LEU C 146 6.41 -29.18 -2.16
CA LEU C 146 5.07 -28.64 -2.44
C LEU C 146 5.08 -27.55 -3.50
N ARG C 147 3.90 -27.42 -4.11
CA ARG C 147 3.51 -26.26 -4.88
C ARG C 147 2.24 -25.76 -4.20
N CYS C 148 1.98 -24.46 -4.28
CA CYS C 148 0.85 -23.87 -3.58
C CYS C 148 0.35 -22.60 -4.21
N GLU C 149 -0.86 -22.21 -3.77
CA GLU C 149 -1.40 -20.90 -4.11
C GLU C 149 -2.22 -20.40 -2.95
N PHE C 150 -2.28 -19.07 -2.80
CA PHE C 150 -3.24 -18.42 -1.90
C PHE C 150 -4.17 -17.58 -2.73
N TYR C 151 -5.46 -17.58 -2.34
CA TYR C 151 -6.48 -16.90 -3.11
C TYR C 151 -7.08 -15.82 -2.23
N THR C 152 -7.02 -14.58 -2.69
CA THR C 152 -7.48 -13.47 -1.89
C THR C 152 -8.56 -12.70 -2.59
N GLN C 153 -9.37 -12.00 -1.80
CA GLN C 153 -10.27 -11.01 -2.41
C GLN C 153 -9.43 -9.95 -3.14
N PRO C 154 -9.97 -9.41 -4.22
CA PRO C 154 -9.30 -8.29 -4.84
C PRO C 154 -9.16 -7.13 -3.85
N VAL C 155 -8.08 -6.38 -3.99
CA VAL C 155 -7.80 -5.26 -3.10
C VAL C 155 -8.11 -3.99 -3.85
N GLN C 156 -8.43 -2.95 -3.09
CA GLN C 156 -8.54 -1.61 -3.67
CA GLN C 156 -8.56 -1.61 -3.65
C GLN C 156 -7.53 -0.71 -2.99
N SER C 157 -6.98 0.25 -3.75
CA SER C 157 -5.97 1.15 -3.26
C SER C 157 -6.48 2.59 -3.49
N SER C 158 -6.53 3.38 -2.44
CA SER C 158 -6.88 4.78 -2.57
C SER C 158 -5.69 5.68 -2.21
N VAL C 159 -5.71 6.91 -2.71
CA VAL C 159 -4.79 7.95 -2.29
C VAL C 159 -5.66 9.18 -2.01
N THR C 160 -5.46 9.75 -0.86
CA THR C 160 -6.27 10.88 -0.38
C THR C 160 -5.39 12.11 -0.15
N GLN C 161 -5.92 13.29 -0.49
CA GLN C 161 -5.34 14.54 -0.13
C GLN C 161 -6.41 15.40 0.57
N VAL C 162 -6.01 15.96 1.70
CA VAL C 162 -6.84 16.93 2.47
C VAL C 162 -6.27 18.33 2.29
N GLY C 163 -7.15 19.31 2.08
CA GLY C 163 -6.71 20.70 2.02
C GLY C 163 -7.65 21.50 2.88
N ALA C 164 -7.06 22.45 3.62
CA ALA C 164 -7.82 23.14 4.64
C ALA C 164 -8.07 24.58 4.27
N ASP C 165 -9.22 25.08 4.69
CA ASP C 165 -9.45 26.52 4.91
C ASP C 165 -9.51 27.30 3.59
N ILE C 166 -10.19 26.75 2.61
CA ILE C 166 -10.50 27.46 1.40
C ILE C 166 -11.56 28.52 1.78
N TYR C 167 -11.29 29.78 1.47
CA TYR C 167 -12.07 30.88 2.03
C TYR C 167 -12.57 31.88 0.96
N THR C 168 -13.78 32.39 1.14
CA THR C 168 -14.34 33.39 0.24
C THR C 168 -13.59 34.74 0.31
N GLY C 169 -13.00 35.02 1.46
CA GLY C 169 -12.60 36.40 1.86
C GLY C 169 -13.70 37.01 2.70
N ASP C 170 -13.34 38.01 3.53
CA ASP C 170 -14.32 38.77 4.28
C ASP C 170 -15.16 39.65 3.34
N ASN C 171 -16.42 39.82 3.69
CA ASN C 171 -17.34 40.69 2.96
C ASN C 171 -17.28 40.38 1.47
N CYS C 172 -17.47 39.11 1.14
CA CYS C 172 -17.26 38.66 -0.22
C CYS C 172 -18.41 39.07 -1.12
N ALA C 173 -18.29 38.75 -2.42
CA ALA C 173 -19.34 39.07 -3.38
C ALA C 173 -20.71 38.50 -3.05
N LEU C 174 -20.80 37.48 -2.19
CA LEU C 174 -22.08 36.93 -1.81
C LEU C 174 -22.83 37.83 -0.84
N ASN C 175 -22.18 38.91 -0.41
CA ASN C 175 -22.73 39.80 0.61
C ASN C 175 -23.42 41.02 0.04
N THR C 176 -23.62 41.00 -1.26
CA THR C 176 -24.33 42.06 -1.99
C THR C 176 -25.12 41.42 -3.12
N GLY C 177 -26.14 42.14 -3.59
CA GLY C 177 -26.88 41.72 -4.77
C GLY C 177 -27.92 40.66 -4.46
N SER C 178 -28.56 40.14 -5.50
CA SER C 178 -29.56 39.14 -5.30
C SER C 178 -29.52 38.13 -6.43
N GLY C 179 -30.28 37.06 -6.26
CA GLY C 179 -30.28 35.95 -7.21
C GLY C 179 -29.10 35.01 -6.95
N LYS C 180 -28.92 34.02 -7.81
CA LYS C 180 -27.78 33.13 -7.68
C LYS C 180 -26.48 33.92 -7.87
N ARG C 181 -25.56 33.76 -6.91
CA ARG C 181 -24.30 34.44 -6.91
C ARG C 181 -23.25 33.44 -6.42
N GLU C 182 -22.05 33.58 -6.96
CA GLU C 182 -20.94 32.70 -6.59
C GLU C 182 -19.63 33.42 -6.42
N VAL C 183 -18.78 32.82 -5.59
CA VAL C 183 -17.38 33.19 -5.44
C VAL C 183 -16.56 31.95 -5.70
N VAL C 184 -15.69 32.04 -6.71
CA VAL C 184 -14.86 30.91 -7.13
C VAL C 184 -13.42 31.08 -6.66
N VAL C 185 -12.92 30.05 -5.96
CA VAL C 185 -11.58 30.00 -5.47
C VAL C 185 -10.87 28.78 -6.06
N PRO C 186 -9.88 29.00 -6.94
CA PRO C 186 -9.21 27.86 -7.51
C PRO C 186 -8.35 27.14 -6.48
N VAL C 187 -8.31 25.82 -6.57
CA VAL C 187 -7.56 24.99 -5.65
C VAL C 187 -6.64 24.09 -6.42
N LYS C 188 -5.38 24.04 -6.00
CA LYS C 188 -4.38 23.16 -6.63
C LYS C 188 -3.99 22.11 -5.60
N PHE C 189 -4.07 20.83 -5.96
CA PHE C 189 -3.65 19.78 -5.03
C PHE C 189 -2.11 19.86 -4.87
N GLN C 190 -1.64 19.45 -3.71
CA GLN C 190 -0.22 19.37 -3.42
C GLN C 190 0.53 18.55 -4.49
N PHE C 191 -0.03 17.42 -4.85
CA PHE C 191 0.49 16.65 -5.98
C PHE C 191 -0.63 16.19 -6.91
N GLU C 192 -0.25 15.87 -8.15
CA GLU C 192 -1.21 15.43 -9.13
C GLU C 192 -1.55 13.98 -8.88
N PHE C 193 -2.84 13.68 -8.85
CA PHE C 193 -3.35 12.30 -8.74
C PHE C 193 -3.09 11.50 -10.04
N ALA C 194 -2.96 10.18 -9.90
CA ALA C 194 -2.84 9.28 -11.05
C ALA C 194 -4.13 9.06 -11.82
N THR C 195 -5.28 9.17 -11.13
CA THR C 195 -6.59 9.02 -11.72
C THR C 195 -7.46 10.12 -11.11
N LEU C 196 -8.59 10.38 -11.75
CA LEU C 196 -9.50 11.45 -11.39
C LEU C 196 -10.05 11.25 -9.99
N PRO C 197 -9.88 12.24 -9.11
CA PRO C 197 -10.42 12.07 -7.75
C PRO C 197 -11.88 12.45 -7.64
N LYS C 198 -12.52 11.93 -6.60
CA LYS C 198 -13.78 12.47 -6.08
C LYS C 198 -13.46 13.39 -4.91
N VAL C 199 -14.25 14.48 -4.81
CA VAL C 199 -13.96 15.52 -3.84
C VAL C 199 -15.15 15.84 -2.96
N ALA C 200 -14.93 15.71 -1.65
CA ALA C 200 -15.85 16.20 -0.62
C ALA C 200 -15.39 17.62 -0.21
N LEU C 201 -16.35 18.51 0.00
CA LEU C 201 -16.00 19.91 0.23
C LEU C 201 -17.12 20.49 1.10
N ASN C 202 -16.80 20.72 2.37
CA ASN C 202 -17.82 20.94 3.40
C ASN C 202 -17.44 22.11 4.28
N PHE C 203 -18.44 22.68 4.94
CA PHE C 203 -18.23 23.93 5.67
C PHE C 203 -17.47 23.77 6.99
N ASP C 204 -16.59 24.71 7.28
CA ASP C 204 -16.06 24.86 8.64
C ASP C 204 -16.25 26.23 9.23
N GLN C 205 -16.75 27.21 8.47
CA GLN C 205 -16.97 28.55 9.08
C GLN C 205 -18.03 29.23 8.27
N ILE C 206 -19.06 29.74 8.96
CA ILE C 206 -20.23 30.32 8.29
C ILE C 206 -20.55 31.66 8.93
N ASP C 207 -20.63 32.69 8.09
CA ASP C 207 -20.91 34.05 8.53
C ASP C 207 -21.93 34.64 7.54
N CYS C 208 -23.21 34.55 7.87
CA CYS C 208 -24.25 34.91 6.90
C CYS C 208 -25.47 35.53 7.55
N THR C 209 -26.23 36.24 6.73
CA THR C 209 -27.46 36.89 7.15
C THR C 209 -28.67 36.11 6.63
N ASP C 210 -29.67 35.94 7.46
CA ASP C 210 -30.88 35.27 6.97
C ASP C 210 -31.66 36.25 6.11
N ALA C 211 -32.56 35.69 5.31
CA ALA C 211 -33.46 36.45 4.44
C ALA C 211 -34.86 35.94 4.71
N THR C 212 -35.70 36.78 5.33
CA THR C 212 -37.00 36.35 5.83
C THR C 212 -36.90 34.99 6.55
N ASN C 213 -35.96 34.96 7.51
CA ASN C 213 -35.67 33.83 8.37
C ASN C 213 -35.01 32.62 7.73
N GLN C 214 -34.69 32.69 6.43
CA GLN C 214 -34.09 31.57 5.74
C GLN C 214 -32.60 31.73 5.57
N THR C 215 -31.88 30.64 5.84
CA THR C 215 -30.48 30.47 5.55
C THR C 215 -30.33 29.74 4.24
N ARG C 216 -29.51 30.28 3.33
CA ARG C 216 -29.22 29.64 2.06
C ARG C 216 -27.73 29.78 1.75
N ILE C 217 -27.00 28.67 1.84
CA ILE C 217 -25.54 28.68 1.59
C ILE C 217 -25.15 27.35 0.97
N GLY C 218 -24.13 27.40 0.14
CA GLY C 218 -23.61 26.21 -0.49
C GLY C 218 -22.18 26.32 -0.88
N VAL C 219 -21.55 25.14 -1.03
CA VAL C 219 -20.22 25.06 -1.56
C VAL C 219 -20.12 23.76 -2.38
N GLN C 220 -19.46 23.83 -3.54
CA GLN C 220 -19.34 22.71 -4.44
C GLN C 220 -18.11 22.80 -5.29
N PRO C 221 -17.44 21.67 -5.55
CA PRO C 221 -16.36 21.68 -6.54
C PRO C 221 -16.88 21.73 -7.97
N ARG C 222 -16.09 22.36 -8.81
CA ARG C 222 -16.36 22.41 -10.26
C ARG C 222 -15.03 22.16 -10.97
N ASN C 223 -15.09 21.57 -12.16
CA ASN C 223 -13.89 21.41 -12.98
C ASN C 223 -12.81 20.60 -12.27
N ILE C 224 -13.23 19.49 -11.68
CA ILE C 224 -12.28 18.63 -10.98
C ILE C 224 -11.39 17.97 -12.02
N THR C 225 -10.08 18.07 -11.81
CA THR C 225 -9.07 17.36 -12.62
C THR C 225 -8.15 16.57 -11.69
N THR C 226 -7.19 15.83 -12.23
CA THR C 226 -6.14 15.27 -11.42
C THR C 226 -5.27 16.29 -10.69
N LYS C 227 -5.27 17.57 -11.11
CA LYS C 227 -4.42 18.62 -10.60
C LYS C 227 -5.05 19.55 -9.58
N GLY C 228 -6.37 19.68 -9.65
CA GLY C 228 -7.08 20.55 -8.72
C GLY C 228 -8.54 20.67 -9.08
N PHE C 229 -9.16 21.76 -8.58
CA PHE C 229 -10.54 22.04 -8.88
C PHE C 229 -10.87 23.48 -8.55
N ASP C 230 -12.04 23.95 -8.95
CA ASP C 230 -12.53 25.26 -8.55
C ASP C 230 -13.53 25.07 -7.38
N CYS C 231 -13.27 25.74 -6.25
CA CYS C 231 -14.15 25.72 -5.13
C CYS C 231 -15.20 26.82 -5.30
N VAL C 232 -16.46 26.43 -5.49
CA VAL C 232 -17.51 27.40 -5.80
C VAL C 232 -18.34 27.58 -4.55
N PHE C 233 -18.20 28.72 -3.90
CA PHE C 233 -19.11 29.14 -2.81
C PHE C 233 -20.29 29.88 -3.41
N TYR C 234 -21.48 29.66 -2.88
CA TYR C 234 -22.66 30.29 -3.48
C TYR C 234 -23.80 30.55 -2.52
N THR C 235 -24.68 31.48 -2.92
CA THR C 235 -25.92 31.69 -2.24
C THR C 235 -26.91 32.01 -3.34
N TRP C 236 -28.15 32.26 -2.96
CA TRP C 236 -29.22 32.52 -3.94
C TRP C 236 -30.36 33.27 -3.27
N ASN C 237 -31.40 33.62 -4.03
CA ASN C 237 -32.50 34.43 -3.50
C ASN C 237 -31.93 35.77 -3.00
N GLU C 238 -32.49 36.32 -1.92
CA GLU C 238 -32.03 37.61 -1.39
C GLU C 238 -30.95 37.54 -0.33
N ASN C 239 -30.40 36.34 -0.08
CA ASN C 239 -29.46 36.22 1.03
C ASN C 239 -28.17 36.96 0.82
N LYS C 240 -27.67 37.51 1.92
CA LYS C 240 -26.38 38.17 1.96
C LYS C 240 -25.47 37.35 2.86
N VAL C 241 -24.38 36.87 2.28
CA VAL C 241 -23.39 36.04 2.97
C VAL C 241 -22.04 36.72 3.00
N TYR C 242 -21.60 37.05 4.21
CA TYR C 242 -20.39 37.79 4.45
C TYR C 242 -19.18 36.96 4.05
N SER C 243 -19.13 35.72 4.55
CA SER C 243 -18.05 34.81 4.22
C SER C 243 -18.44 33.33 4.43
N LEU C 244 -17.70 32.46 3.74
CA LEU C 244 -17.79 31.00 3.94
C LEU C 244 -16.41 30.42 3.84
N ARG C 245 -16.17 29.39 4.62
CA ARG C 245 -14.90 28.65 4.60
C ARG C 245 -15.21 27.16 4.59
N ALA C 246 -14.37 26.39 3.92
CA ALA C 246 -14.55 24.96 3.72
C ALA C 246 -13.20 24.24 3.72
N ASP C 247 -13.23 22.97 4.14
CA ASP C 247 -12.11 22.04 3.98
C ASP C 247 -12.50 21.04 2.90
N TYR C 248 -11.50 20.48 2.21
CA TYR C 248 -11.76 19.45 1.22
C TYR C 248 -11.00 18.18 1.46
N ILE C 249 -11.58 17.11 0.93
CA ILE C 249 -11.00 15.78 0.97
C ILE C 249 -11.16 15.23 -0.45
N ALA C 250 -10.04 14.94 -1.10
CA ALA C 250 -10.02 14.44 -2.44
C ALA C 250 -9.39 13.08 -2.46
N THR C 251 -10.08 12.12 -3.05
CA THR C 251 -9.56 10.75 -3.06
C THR C 251 -9.66 10.15 -4.45
N ALA C 252 -8.57 9.53 -4.88
CA ALA C 252 -8.53 8.83 -6.18
C ALA C 252 -8.35 7.32 -5.90
N LEU C 253 -8.89 6.49 -6.77
CA LEU C 253 -8.86 5.03 -6.57
C LEU C 253 -8.03 4.37 -7.65
N GLU C 254 -7.35 3.29 -7.25
CA GLU C 254 -6.66 2.38 -8.18
C GLU C 254 -5.63 3.12 -9.04
#